data_6IZ7
# 
_entry.id   6IZ7 
# 
_audit_conform.dict_name       mmcif_pdbx.dic 
_audit_conform.dict_version    5.387 
_audit_conform.dict_location   http://mmcif.pdb.org/dictionaries/ascii/mmcif_pdbx.dic 
# 
loop_
_database_2.database_id 
_database_2.database_code 
_database_2.pdbx_database_accession 
_database_2.pdbx_DOI 
PDB   6IZ7         pdb_00006iz7 10.2210/pdb6iz7/pdb 
WWPDB D_1300010187 ?            ?                   
EMDB  EMD-9752     ?            ?                   
# 
loop_
_pdbx_audit_revision_history.ordinal 
_pdbx_audit_revision_history.data_content_type 
_pdbx_audit_revision_history.major_revision 
_pdbx_audit_revision_history.minor_revision 
_pdbx_audit_revision_history.revision_date 
1 'Structure model' 1 0 2019-04-17 
2 'Structure model' 1 1 2024-03-27 
# 
_pdbx_audit_revision_details.ordinal             1 
_pdbx_audit_revision_details.revision_ordinal    1 
_pdbx_audit_revision_details.data_content_type   'Structure model' 
_pdbx_audit_revision_details.provider            repository 
_pdbx_audit_revision_details.type                'Initial release' 
_pdbx_audit_revision_details.description         ? 
_pdbx_audit_revision_details.details             ? 
# 
loop_
_pdbx_audit_revision_group.ordinal 
_pdbx_audit_revision_group.revision_ordinal 
_pdbx_audit_revision_group.data_content_type 
_pdbx_audit_revision_group.group 
1 2 'Structure model' 'Data collection'        
2 2 'Structure model' 'Database references'    
3 2 'Structure model' 'Refinement description' 
# 
loop_
_pdbx_audit_revision_category.ordinal 
_pdbx_audit_revision_category.revision_ordinal 
_pdbx_audit_revision_category.data_content_type 
_pdbx_audit_revision_category.category 
1 2 'Structure model' chem_comp_atom                
2 2 'Structure model' chem_comp_bond                
3 2 'Structure model' database_2                    
4 2 'Structure model' em_3d_fitting_list            
5 2 'Structure model' pdbx_initial_refinement_model 
# 
loop_
_pdbx_audit_revision_item.ordinal 
_pdbx_audit_revision_item.revision_ordinal 
_pdbx_audit_revision_item.data_content_type 
_pdbx_audit_revision_item.item 
1 2 'Structure model' '_database_2.pdbx_DOI'                            
2 2 'Structure model' '_database_2.pdbx_database_accession'             
3 2 'Structure model' '_em_3d_fitting_list.accession_code'              
4 2 'Structure model' '_em_3d_fitting_list.initial_refinement_model_id' 
5 2 'Structure model' '_em_3d_fitting_list.source_name'                 
6 2 'Structure model' '_em_3d_fitting_list.type'                        
# 
_pdbx_database_status.status_code                     REL 
_pdbx_database_status.status_code_sf                  ? 
_pdbx_database_status.status_code_mr                  ? 
_pdbx_database_status.entry_id                        6IZ7 
_pdbx_database_status.recvd_initial_deposition_date   2018-12-18 
_pdbx_database_status.SG_entry                        N 
_pdbx_database_status.deposit_site                    PDBJ 
_pdbx_database_status.process_site                    PDBJ 
_pdbx_database_status.status_code_cs                  ? 
_pdbx_database_status.methods_development_category    ? 
_pdbx_database_status.pdb_format_compatible           Y 
_pdbx_database_status.status_code_nmr_data            ? 
# 
loop_
_pdbx_database_related.db_name 
_pdbx_database_related.details 
_pdbx_database_related.db_id 
_pdbx_database_related.content_type 
EMDB 'Cryo-EM density map of E. coli 70S ribosome in complex with peptide deformylase enzyme'                                 
EMD-9750 'other EM volume'      
EMDB 'Cryo-EM density map of E. coli 70S ribosome in complex with methionine aminopeptidase'                                  
EMD-9752 'associated EM volume' 
EMDB 'Cryo-EM density map of peptide deformylase and methionine aminopeptidase bound to the E. coli 70S ribosome'             
EMD-9753 'other EM volume'      
EMDB 'Cryo-EM density map of methionine aminopeptidase enzyme and chaperone trigger factor bound to the E. coli 70S ribosome' 
EMD-9759 'other EM volume'      
# 
loop_
_audit_author.name 
_audit_author.pdbx_ordinal 
_audit_author.identifier_ORCID 
'Sengupta, J.' 1 0000-0003-3614-6047 
'Bhakta, S.'   2 0000-0003-2015-0498 
'Akbar, S.'    3 0000-0003-2437-9679 
# 
_citation.abstract                  ? 
_citation.abstract_id_CAS           ? 
_citation.book_id_ISBN              ? 
_citation.book_publisher            ? 
_citation.book_publisher_city       ? 
_citation.book_title                ? 
_citation.coordinate_linkage        ? 
_citation.country                   UK 
_citation.database_id_Medline       ? 
_citation.details                   ? 
_citation.id                        primary 
_citation.journal_abbrev            'J. Mol. Biol.' 
_citation.journal_id_ASTM           JMOBAK 
_citation.journal_id_CSD            0070 
_citation.journal_id_ISSN           1089-8638 
_citation.journal_full              ? 
_citation.journal_issue             ? 
_citation.journal_volume            431 
_citation.language                  ? 
_citation.page_first                1426 
_citation.page_last                 1439 
_citation.title                     
'Cryo-EM Structures Reveal Relocalization of MetAP in the Presence of Other Protein Biogenesis Factors at the Ribosomal Tunnel Exit.' 
_citation.year                      2019 
_citation.database_id_CSD           ? 
_citation.pdbx_database_id_DOI      10.1016/j.jmb.2019.02.002 
_citation.pdbx_database_id_PubMed   30753870 
_citation.unpublished_flag          ? 
# 
loop_
_citation_author.citation_id 
_citation_author.name 
_citation_author.ordinal 
_citation_author.identifier_ORCID 
primary 'Bhakta, S.'   1 ? 
primary 'Akbar, S.'    2 ? 
primary 'Sengupta, J.' 3 ? 
# 
_entity.id                         1 
_entity.type                       polymer 
_entity.src_method                 man 
_entity.pdbx_description           'Methionine aminopeptidase' 
_entity.formula_weight             29341.775 
_entity.pdbx_number_of_molecules   1 
_entity.pdbx_ec                    3.4.11.18 
_entity.pdbx_mutation              R175Q 
_entity.pdbx_fragment              ? 
_entity.details                    ? 
# 
_entity_name_com.entity_id   1 
_entity_name_com.name        'MetAP,Peptidase M' 
# 
_entity_poly.entity_id                      1 
_entity_poly.type                           'polypeptide(L)' 
_entity_poly.nstd_linkage                   no 
_entity_poly.nstd_monomer                   no 
_entity_poly.pdbx_seq_one_letter_code       
;MAISIKTPEDIEKMRVAGRLAAEVLEMIEPYVKPGVSTGELDRICNDYIVNEQHAVSACLGYHGYPKSVCISINEVVCHG
IPDDAKLLKDGDIVNIDVTVIKDGFHGDTSKMFIVGKPTIMGERLCRITQESLYLALRMVKPGINLREIGAAIQKFVEAE
GFSVVREYCGHGIGQGFHEEPQVLHYDSRETNVVLKPGMTFTIEPMVNAGKKEIRTMKDGWTVKTKDRSLSAQYEHTIVV
TDNGCEILTLRKDDTIPAIISHDE
;
_entity_poly.pdbx_seq_one_letter_code_can   
;MAISIKTPEDIEKMRVAGRLAAEVLEMIEPYVKPGVSTGELDRICNDYIVNEQHAVSACLGYHGYPKSVCISINEVVCHG
IPDDAKLLKDGDIVNIDVTVIKDGFHGDTSKMFIVGKPTIMGERLCRITQESLYLALRMVKPGINLREIGAAIQKFVEAE
GFSVVREYCGHGIGQGFHEEPQVLHYDSRETNVVLKPGMTFTIEPMVNAGKKEIRTMKDGWTVKTKDRSLSAQYEHTIVV
TDNGCEILTLRKDDTIPAIISHDE
;
_entity_poly.pdbx_strand_id                 P 
_entity_poly.pdbx_target_identifier         ? 
# 
loop_
_entity_poly_seq.entity_id 
_entity_poly_seq.num 
_entity_poly_seq.mon_id 
_entity_poly_seq.hetero 
1 1   MET n 
1 2   ALA n 
1 3   ILE n 
1 4   SER n 
1 5   ILE n 
1 6   LYS n 
1 7   THR n 
1 8   PRO n 
1 9   GLU n 
1 10  ASP n 
1 11  ILE n 
1 12  GLU n 
1 13  LYS n 
1 14  MET n 
1 15  ARG n 
1 16  VAL n 
1 17  ALA n 
1 18  GLY n 
1 19  ARG n 
1 20  LEU n 
1 21  ALA n 
1 22  ALA n 
1 23  GLU n 
1 24  VAL n 
1 25  LEU n 
1 26  GLU n 
1 27  MET n 
1 28  ILE n 
1 29  GLU n 
1 30  PRO n 
1 31  TYR n 
1 32  VAL n 
1 33  LYS n 
1 34  PRO n 
1 35  GLY n 
1 36  VAL n 
1 37  SER n 
1 38  THR n 
1 39  GLY n 
1 40  GLU n 
1 41  LEU n 
1 42  ASP n 
1 43  ARG n 
1 44  ILE n 
1 45  CYS n 
1 46  ASN n 
1 47  ASP n 
1 48  TYR n 
1 49  ILE n 
1 50  VAL n 
1 51  ASN n 
1 52  GLU n 
1 53  GLN n 
1 54  HIS n 
1 55  ALA n 
1 56  VAL n 
1 57  SER n 
1 58  ALA n 
1 59  CYS n 
1 60  LEU n 
1 61  GLY n 
1 62  TYR n 
1 63  HIS n 
1 64  GLY n 
1 65  TYR n 
1 66  PRO n 
1 67  LYS n 
1 68  SER n 
1 69  VAL n 
1 70  CYS n 
1 71  ILE n 
1 72  SER n 
1 73  ILE n 
1 74  ASN n 
1 75  GLU n 
1 76  VAL n 
1 77  VAL n 
1 78  CYS n 
1 79  HIS n 
1 80  GLY n 
1 81  ILE n 
1 82  PRO n 
1 83  ASP n 
1 84  ASP n 
1 85  ALA n 
1 86  LYS n 
1 87  LEU n 
1 88  LEU n 
1 89  LYS n 
1 90  ASP n 
1 91  GLY n 
1 92  ASP n 
1 93  ILE n 
1 94  VAL n 
1 95  ASN n 
1 96  ILE n 
1 97  ASP n 
1 98  VAL n 
1 99  THR n 
1 100 VAL n 
1 101 ILE n 
1 102 LYS n 
1 103 ASP n 
1 104 GLY n 
1 105 PHE n 
1 106 HIS n 
1 107 GLY n 
1 108 ASP n 
1 109 THR n 
1 110 SER n 
1 111 LYS n 
1 112 MET n 
1 113 PHE n 
1 114 ILE n 
1 115 VAL n 
1 116 GLY n 
1 117 LYS n 
1 118 PRO n 
1 119 THR n 
1 120 ILE n 
1 121 MET n 
1 122 GLY n 
1 123 GLU n 
1 124 ARG n 
1 125 LEU n 
1 126 CYS n 
1 127 ARG n 
1 128 ILE n 
1 129 THR n 
1 130 GLN n 
1 131 GLU n 
1 132 SER n 
1 133 LEU n 
1 134 TYR n 
1 135 LEU n 
1 136 ALA n 
1 137 LEU n 
1 138 ARG n 
1 139 MET n 
1 140 VAL n 
1 141 LYS n 
1 142 PRO n 
1 143 GLY n 
1 144 ILE n 
1 145 ASN n 
1 146 LEU n 
1 147 ARG n 
1 148 GLU n 
1 149 ILE n 
1 150 GLY n 
1 151 ALA n 
1 152 ALA n 
1 153 ILE n 
1 154 GLN n 
1 155 LYS n 
1 156 PHE n 
1 157 VAL n 
1 158 GLU n 
1 159 ALA n 
1 160 GLU n 
1 161 GLY n 
1 162 PHE n 
1 163 SER n 
1 164 VAL n 
1 165 VAL n 
1 166 ARG n 
1 167 GLU n 
1 168 TYR n 
1 169 CYS n 
1 170 GLY n 
1 171 HIS n 
1 172 GLY n 
1 173 ILE n 
1 174 GLY n 
1 175 GLN n 
1 176 GLY n 
1 177 PHE n 
1 178 HIS n 
1 179 GLU n 
1 180 GLU n 
1 181 PRO n 
1 182 GLN n 
1 183 VAL n 
1 184 LEU n 
1 185 HIS n 
1 186 TYR n 
1 187 ASP n 
1 188 SER n 
1 189 ARG n 
1 190 GLU n 
1 191 THR n 
1 192 ASN n 
1 193 VAL n 
1 194 VAL n 
1 195 LEU n 
1 196 LYS n 
1 197 PRO n 
1 198 GLY n 
1 199 MET n 
1 200 THR n 
1 201 PHE n 
1 202 THR n 
1 203 ILE n 
1 204 GLU n 
1 205 PRO n 
1 206 MET n 
1 207 VAL n 
1 208 ASN n 
1 209 ALA n 
1 210 GLY n 
1 211 LYS n 
1 212 LYS n 
1 213 GLU n 
1 214 ILE n 
1 215 ARG n 
1 216 THR n 
1 217 MET n 
1 218 LYS n 
1 219 ASP n 
1 220 GLY n 
1 221 TRP n 
1 222 THR n 
1 223 VAL n 
1 224 LYS n 
1 225 THR n 
1 226 LYS n 
1 227 ASP n 
1 228 ARG n 
1 229 SER n 
1 230 LEU n 
1 231 SER n 
1 232 ALA n 
1 233 GLN n 
1 234 TYR n 
1 235 GLU n 
1 236 HIS n 
1 237 THR n 
1 238 ILE n 
1 239 VAL n 
1 240 VAL n 
1 241 THR n 
1 242 ASP n 
1 243 ASN n 
1 244 GLY n 
1 245 CYS n 
1 246 GLU n 
1 247 ILE n 
1 248 LEU n 
1 249 THR n 
1 250 LEU n 
1 251 ARG n 
1 252 LYS n 
1 253 ASP n 
1 254 ASP n 
1 255 THR n 
1 256 ILE n 
1 257 PRO n 
1 258 ALA n 
1 259 ILE n 
1 260 ILE n 
1 261 SER n 
1 262 HIS n 
1 263 ASP n 
1 264 GLU n 
# 
_entity_src_gen.entity_id                          1 
_entity_src_gen.pdbx_src_id                        1 
_entity_src_gen.pdbx_alt_source_flag               sample 
_entity_src_gen.pdbx_seq_type                      'Biological sequence' 
_entity_src_gen.pdbx_beg_seq_num                   1 
_entity_src_gen.pdbx_end_seq_num                   264 
_entity_src_gen.gene_src_common_name               ? 
_entity_src_gen.gene_src_genus                     ? 
_entity_src_gen.pdbx_gene_src_gene                 'map, b0168, JW0163' 
_entity_src_gen.gene_src_species                   ? 
_entity_src_gen.gene_src_strain                    K-12 
_entity_src_gen.gene_src_tissue                    ? 
_entity_src_gen.gene_src_tissue_fraction           ? 
_entity_src_gen.gene_src_details                   ? 
_entity_src_gen.pdbx_gene_src_fragment             ? 
_entity_src_gen.pdbx_gene_src_scientific_name      'Escherichia coli K-12' 
_entity_src_gen.pdbx_gene_src_ncbi_taxonomy_id     83333 
_entity_src_gen.pdbx_gene_src_variant              ? 
_entity_src_gen.pdbx_gene_src_cell_line            ? 
_entity_src_gen.pdbx_gene_src_atcc                 ? 
_entity_src_gen.pdbx_gene_src_organ                ? 
_entity_src_gen.pdbx_gene_src_organelle            ? 
_entity_src_gen.pdbx_gene_src_cell                 ? 
_entity_src_gen.pdbx_gene_src_cellular_location    ? 
_entity_src_gen.host_org_common_name               ? 
_entity_src_gen.pdbx_host_org_scientific_name      'Escherichia coli' 
_entity_src_gen.pdbx_host_org_ncbi_taxonomy_id     562 
_entity_src_gen.host_org_genus                     ? 
_entity_src_gen.pdbx_host_org_gene                 ? 
_entity_src_gen.pdbx_host_org_organ                ? 
_entity_src_gen.host_org_species                   ? 
_entity_src_gen.pdbx_host_org_tissue               ? 
_entity_src_gen.pdbx_host_org_tissue_fraction      ? 
_entity_src_gen.pdbx_host_org_strain               ? 
_entity_src_gen.pdbx_host_org_variant              ? 
_entity_src_gen.pdbx_host_org_cell_line            ? 
_entity_src_gen.pdbx_host_org_atcc                 ? 
_entity_src_gen.pdbx_host_org_culture_collection   ? 
_entity_src_gen.pdbx_host_org_cell                 ? 
_entity_src_gen.pdbx_host_org_organelle            ? 
_entity_src_gen.pdbx_host_org_cellular_location    ? 
_entity_src_gen.pdbx_host_org_vector_type          ? 
_entity_src_gen.pdbx_host_org_vector               ? 
_entity_src_gen.host_org_details                   ? 
_entity_src_gen.expression_system_id               ? 
_entity_src_gen.plasmid_name                       ? 
_entity_src_gen.plasmid_details                    ? 
_entity_src_gen.pdbx_description                   ? 
# 
loop_
_chem_comp.id 
_chem_comp.type 
_chem_comp.mon_nstd_flag 
_chem_comp.name 
_chem_comp.pdbx_synonyms 
_chem_comp.formula 
_chem_comp.formula_weight 
ALA 'L-peptide linking' y ALANINE         ? 'C3 H7 N O2'     89.093  
ARG 'L-peptide linking' y ARGININE        ? 'C6 H15 N4 O2 1' 175.209 
ASN 'L-peptide linking' y ASPARAGINE      ? 'C4 H8 N2 O3'    132.118 
ASP 'L-peptide linking' y 'ASPARTIC ACID' ? 'C4 H7 N O4'     133.103 
CYS 'L-peptide linking' y CYSTEINE        ? 'C3 H7 N O2 S'   121.158 
GLN 'L-peptide linking' y GLUTAMINE       ? 'C5 H10 N2 O3'   146.144 
GLU 'L-peptide linking' y 'GLUTAMIC ACID' ? 'C5 H9 N O4'     147.129 
GLY 'peptide linking'   y GLYCINE         ? 'C2 H5 N O2'     75.067  
HIS 'L-peptide linking' y HISTIDINE       ? 'C6 H10 N3 O2 1' 156.162 
ILE 'L-peptide linking' y ISOLEUCINE      ? 'C6 H13 N O2'    131.173 
LEU 'L-peptide linking' y LEUCINE         ? 'C6 H13 N O2'    131.173 
LYS 'L-peptide linking' y LYSINE          ? 'C6 H15 N2 O2 1' 147.195 
MET 'L-peptide linking' y METHIONINE      ? 'C5 H11 N O2 S'  149.211 
PHE 'L-peptide linking' y PHENYLALANINE   ? 'C9 H11 N O2'    165.189 
PRO 'L-peptide linking' y PROLINE         ? 'C5 H9 N O2'     115.130 
SER 'L-peptide linking' y SERINE          ? 'C3 H7 N O3'     105.093 
THR 'L-peptide linking' y THREONINE       ? 'C4 H9 N O3'     119.119 
TRP 'L-peptide linking' y TRYPTOPHAN      ? 'C11 H12 N2 O2'  204.225 
TYR 'L-peptide linking' y TYROSINE        ? 'C9 H11 N O3'    181.189 
VAL 'L-peptide linking' y VALINE          ? 'C5 H11 N O2'    117.146 
# 
loop_
_pdbx_poly_seq_scheme.asym_id 
_pdbx_poly_seq_scheme.entity_id 
_pdbx_poly_seq_scheme.seq_id 
_pdbx_poly_seq_scheme.mon_id 
_pdbx_poly_seq_scheme.ndb_seq_num 
_pdbx_poly_seq_scheme.pdb_seq_num 
_pdbx_poly_seq_scheme.auth_seq_num 
_pdbx_poly_seq_scheme.pdb_mon_id 
_pdbx_poly_seq_scheme.auth_mon_id 
_pdbx_poly_seq_scheme.pdb_strand_id 
_pdbx_poly_seq_scheme.pdb_ins_code 
_pdbx_poly_seq_scheme.hetero 
A 1 1   MET 1   1   ?   ?   ?   P . n 
A 1 2   ALA 2   2   2   ALA ALA P . n 
A 1 3   ILE 3   3   3   ILE ILE P . n 
A 1 4   SER 4   4   4   SER SER P . n 
A 1 5   ILE 5   5   5   ILE ILE P . n 
A 1 6   LYS 6   6   6   LYS LYS P . n 
A 1 7   THR 7   7   7   THR THR P . n 
A 1 8   PRO 8   8   8   PRO PRO P . n 
A 1 9   GLU 9   9   9   GLU GLU P . n 
A 1 10  ASP 10  10  10  ASP ASP P . n 
A 1 11  ILE 11  11  11  ILE ILE P . n 
A 1 12  GLU 12  12  12  GLU GLU P . n 
A 1 13  LYS 13  13  13  LYS LYS P . n 
A 1 14  MET 14  14  14  MET MET P . n 
A 1 15  ARG 15  15  15  ARG ARG P . n 
A 1 16  VAL 16  16  16  VAL VAL P . n 
A 1 17  ALA 17  17  17  ALA ALA P . n 
A 1 18  GLY 18  18  18  GLY GLY P . n 
A 1 19  ARG 19  19  19  ARG ARG P . n 
A 1 20  LEU 20  20  20  LEU LEU P . n 
A 1 21  ALA 21  21  21  ALA ALA P . n 
A 1 22  ALA 22  22  22  ALA ALA P . n 
A 1 23  GLU 23  23  23  GLU GLU P . n 
A 1 24  VAL 24  24  24  VAL VAL P . n 
A 1 25  LEU 25  25  25  LEU LEU P . n 
A 1 26  GLU 26  26  26  GLU GLU P . n 
A 1 27  MET 27  27  27  MET MET P . n 
A 1 28  ILE 28  28  28  ILE ILE P . n 
A 1 29  GLU 29  29  29  GLU GLU P . n 
A 1 30  PRO 30  30  30  PRO PRO P . n 
A 1 31  TYR 31  31  31  TYR TYR P . n 
A 1 32  VAL 32  32  32  VAL VAL P . n 
A 1 33  LYS 33  33  33  LYS LYS P . n 
A 1 34  PRO 34  34  34  PRO PRO P . n 
A 1 35  GLY 35  35  35  GLY GLY P . n 
A 1 36  VAL 36  36  36  VAL VAL P . n 
A 1 37  SER 37  37  37  SER SER P . n 
A 1 38  THR 38  38  38  THR THR P . n 
A 1 39  GLY 39  39  39  GLY GLY P . n 
A 1 40  GLU 40  40  40  GLU GLU P . n 
A 1 41  LEU 41  41  41  LEU LEU P . n 
A 1 42  ASP 42  42  42  ASP ASP P . n 
A 1 43  ARG 43  43  43  ARG ARG P . n 
A 1 44  ILE 44  44  44  ILE ILE P . n 
A 1 45  CYS 45  45  45  CYS CYS P . n 
A 1 46  ASN 46  46  46  ASN ASN P . n 
A 1 47  ASP 47  47  47  ASP ASP P . n 
A 1 48  TYR 48  48  48  TYR TYR P . n 
A 1 49  ILE 49  49  49  ILE ILE P . n 
A 1 50  VAL 50  50  50  VAL VAL P . n 
A 1 51  ASN 51  51  51  ASN ASN P . n 
A 1 52  GLU 52  52  52  GLU GLU P . n 
A 1 53  GLN 53  53  53  GLN GLN P . n 
A 1 54  HIS 54  54  54  HIS HIS P . n 
A 1 55  ALA 55  55  55  ALA ALA P . n 
A 1 56  VAL 56  56  56  VAL VAL P . n 
A 1 57  SER 57  57  57  SER SER P . n 
A 1 58  ALA 58  58  58  ALA ALA P . n 
A 1 59  CYS 59  59  59  CYS CYS P . n 
A 1 60  LEU 60  60  60  LEU LEU P . n 
A 1 61  GLY 61  61  61  GLY GLY P . n 
A 1 62  TYR 62  62  62  TYR TYR P . n 
A 1 63  HIS 63  63  63  HIS HIS P . n 
A 1 64  GLY 64  64  64  GLY GLY P . n 
A 1 65  TYR 65  65  65  TYR TYR P . n 
A 1 66  PRO 66  66  66  PRO PRO P . n 
A 1 67  LYS 67  67  67  LYS LYS P . n 
A 1 68  SER 68  68  68  SER SER P . n 
A 1 69  VAL 69  69  69  VAL VAL P . n 
A 1 70  CYS 70  70  70  CYS CYS P . n 
A 1 71  ILE 71  71  71  ILE ILE P . n 
A 1 72  SER 72  72  72  SER SER P . n 
A 1 73  ILE 73  73  73  ILE ILE P . n 
A 1 74  ASN 74  74  74  ASN ASN P . n 
A 1 75  GLU 75  75  75  GLU GLU P . n 
A 1 76  VAL 76  76  76  VAL VAL P . n 
A 1 77  VAL 77  77  77  VAL VAL P . n 
A 1 78  CYS 78  78  78  CYS CYS P . n 
A 1 79  HIS 79  79  79  HIS HIS P . n 
A 1 80  GLY 80  80  80  GLY GLY P . n 
A 1 81  ILE 81  81  81  ILE ILE P . n 
A 1 82  PRO 82  82  82  PRO PRO P . n 
A 1 83  ASP 83  83  83  ASP ASP P . n 
A 1 84  ASP 84  84  84  ASP ASP P . n 
A 1 85  ALA 85  85  85  ALA ALA P . n 
A 1 86  LYS 86  86  86  LYS LYS P . n 
A 1 87  LEU 87  87  87  LEU LEU P . n 
A 1 88  LEU 88  88  88  LEU LEU P . n 
A 1 89  LYS 89  89  89  LYS LYS P . n 
A 1 90  ASP 90  90  90  ASP ASP P . n 
A 1 91  GLY 91  91  91  GLY GLY P . n 
A 1 92  ASP 92  92  92  ASP ASP P . n 
A 1 93  ILE 93  93  93  ILE ILE P . n 
A 1 94  VAL 94  94  94  VAL VAL P . n 
A 1 95  ASN 95  95  95  ASN ASN P . n 
A 1 96  ILE 96  96  96  ILE ILE P . n 
A 1 97  ASP 97  97  97  ASP ASP P . n 
A 1 98  VAL 98  98  98  VAL VAL P . n 
A 1 99  THR 99  99  99  THR THR P . n 
A 1 100 VAL 100 100 100 VAL VAL P . n 
A 1 101 ILE 101 101 101 ILE ILE P . n 
A 1 102 LYS 102 102 102 LYS LYS P . n 
A 1 103 ASP 103 103 103 ASP ASP P . n 
A 1 104 GLY 104 104 104 GLY GLY P . n 
A 1 105 PHE 105 105 105 PHE PHE P . n 
A 1 106 HIS 106 106 106 HIS HIS P . n 
A 1 107 GLY 107 107 107 GLY GLY P . n 
A 1 108 ASP 108 108 108 ASP ASP P . n 
A 1 109 THR 109 109 109 THR THR P . n 
A 1 110 SER 110 110 110 SER SER P . n 
A 1 111 LYS 111 111 111 LYS LYS P . n 
A 1 112 MET 112 112 112 MET MET P . n 
A 1 113 PHE 113 113 113 PHE PHE P . n 
A 1 114 ILE 114 114 114 ILE ILE P . n 
A 1 115 VAL 115 115 115 VAL VAL P . n 
A 1 116 GLY 116 116 116 GLY GLY P . n 
A 1 117 LYS 117 117 117 LYS LYS P . n 
A 1 118 PRO 118 118 118 PRO PRO P . n 
A 1 119 THR 119 119 119 THR THR P . n 
A 1 120 ILE 120 120 120 ILE ILE P . n 
A 1 121 MET 121 121 121 MET MET P . n 
A 1 122 GLY 122 122 122 GLY GLY P . n 
A 1 123 GLU 123 123 123 GLU GLU P . n 
A 1 124 ARG 124 124 124 ARG ARG P . n 
A 1 125 LEU 125 125 125 LEU LEU P . n 
A 1 126 CYS 126 126 126 CYS CYS P . n 
A 1 127 ARG 127 127 127 ARG ARG P . n 
A 1 128 ILE 128 128 128 ILE ILE P . n 
A 1 129 THR 129 129 129 THR THR P . n 
A 1 130 GLN 130 130 130 GLN GLN P . n 
A 1 131 GLU 131 131 131 GLU GLU P . n 
A 1 132 SER 132 132 132 SER SER P . n 
A 1 133 LEU 133 133 133 LEU LEU P . n 
A 1 134 TYR 134 134 134 TYR TYR P . n 
A 1 135 LEU 135 135 135 LEU LEU P . n 
A 1 136 ALA 136 136 136 ALA ALA P . n 
A 1 137 LEU 137 137 137 LEU LEU P . n 
A 1 138 ARG 138 138 138 ARG ARG P . n 
A 1 139 MET 139 139 139 MET MET P . n 
A 1 140 VAL 140 140 140 VAL VAL P . n 
A 1 141 LYS 141 141 141 LYS LYS P . n 
A 1 142 PRO 142 142 142 PRO PRO P . n 
A 1 143 GLY 143 143 143 GLY GLY P . n 
A 1 144 ILE 144 144 144 ILE ILE P . n 
A 1 145 ASN 145 145 145 ASN ASN P . n 
A 1 146 LEU 146 146 146 LEU LEU P . n 
A 1 147 ARG 147 147 147 ARG ARG P . n 
A 1 148 GLU 148 148 148 GLU GLU P . n 
A 1 149 ILE 149 149 149 ILE ILE P . n 
A 1 150 GLY 150 150 150 GLY GLY P . n 
A 1 151 ALA 151 151 151 ALA ALA P . n 
A 1 152 ALA 152 152 152 ALA ALA P . n 
A 1 153 ILE 153 153 153 ILE ILE P . n 
A 1 154 GLN 154 154 154 GLN GLN P . n 
A 1 155 LYS 155 155 155 LYS LYS P . n 
A 1 156 PHE 156 156 156 PHE PHE P . n 
A 1 157 VAL 157 157 157 VAL VAL P . n 
A 1 158 GLU 158 158 158 GLU GLU P . n 
A 1 159 ALA 159 159 159 ALA ALA P . n 
A 1 160 GLU 160 160 160 GLU GLU P . n 
A 1 161 GLY 161 161 161 GLY GLY P . n 
A 1 162 PHE 162 162 162 PHE PHE P . n 
A 1 163 SER 163 163 163 SER SER P . n 
A 1 164 VAL 164 164 164 VAL VAL P . n 
A 1 165 VAL 165 165 165 VAL VAL P . n 
A 1 166 ARG 166 166 166 ARG ARG P . n 
A 1 167 GLU 167 167 167 GLU GLU P . n 
A 1 168 TYR 168 168 168 TYR TYR P . n 
A 1 169 CYS 169 169 169 CYS CYS P . n 
A 1 170 GLY 170 170 170 GLY GLY P . n 
A 1 171 HIS 171 171 171 HIS HIS P . n 
A 1 172 GLY 172 172 172 GLY GLY P . n 
A 1 173 ILE 173 173 173 ILE ILE P . n 
A 1 174 GLY 174 174 174 GLY GLY P . n 
A 1 175 GLN 175 175 175 GLN GLN P . n 
A 1 176 GLY 176 176 176 GLY GLY P . n 
A 1 177 PHE 177 177 177 PHE PHE P . n 
A 1 178 HIS 178 178 178 HIS HIS P . n 
A 1 179 GLU 179 179 179 GLU GLU P . n 
A 1 180 GLU 180 180 180 GLU GLU P . n 
A 1 181 PRO 181 181 181 PRO PRO P . n 
A 1 182 GLN 182 182 182 GLN GLN P . n 
A 1 183 VAL 183 183 183 VAL VAL P . n 
A 1 184 LEU 184 184 184 LEU LEU P . n 
A 1 185 HIS 185 185 185 HIS HIS P . n 
A 1 186 TYR 186 186 186 TYR TYR P . n 
A 1 187 ASP 187 187 187 ASP ASP P . n 
A 1 188 SER 188 188 188 SER SER P . n 
A 1 189 ARG 189 189 189 ARG ARG P . n 
A 1 190 GLU 190 190 190 GLU GLU P . n 
A 1 191 THR 191 191 191 THR THR P . n 
A 1 192 ASN 192 192 192 ASN ASN P . n 
A 1 193 VAL 193 193 193 VAL VAL P . n 
A 1 194 VAL 194 194 194 VAL VAL P . n 
A 1 195 LEU 195 195 195 LEU LEU P . n 
A 1 196 LYS 196 196 196 LYS LYS P . n 
A 1 197 PRO 197 197 197 PRO PRO P . n 
A 1 198 GLY 198 198 198 GLY GLY P . n 
A 1 199 MET 199 199 199 MET MET P . n 
A 1 200 THR 200 200 200 THR THR P . n 
A 1 201 PHE 201 201 201 PHE PHE P . n 
A 1 202 THR 202 202 202 THR THR P . n 
A 1 203 ILE 203 203 203 ILE ILE P . n 
A 1 204 GLU 204 204 204 GLU GLU P . n 
A 1 205 PRO 205 205 205 PRO PRO P . n 
A 1 206 MET 206 206 206 MET MET P . n 
A 1 207 VAL 207 207 207 VAL VAL P . n 
A 1 208 ASN 208 208 208 ASN ASN P . n 
A 1 209 ALA 209 209 209 ALA ALA P . n 
A 1 210 GLY 210 210 210 GLY GLY P . n 
A 1 211 LYS 211 211 211 LYS LYS P . n 
A 1 212 LYS 212 212 212 LYS LYS P . n 
A 1 213 GLU 213 213 213 GLU GLU P . n 
A 1 214 ILE 214 214 214 ILE ILE P . n 
A 1 215 ARG 215 215 215 ARG ARG P . n 
A 1 216 THR 216 216 216 THR THR P . n 
A 1 217 MET 217 217 217 MET MET P . n 
A 1 218 LYS 218 218 218 LYS LYS P . n 
A 1 219 ASP 219 219 219 ASP ASP P . n 
A 1 220 GLY 220 220 220 GLY GLY P . n 
A 1 221 TRP 221 221 221 TRP TRP P . n 
A 1 222 THR 222 222 222 THR THR P . n 
A 1 223 VAL 223 223 223 VAL VAL P . n 
A 1 224 LYS 224 224 224 LYS LYS P . n 
A 1 225 THR 225 225 225 THR THR P . n 
A 1 226 LYS 226 226 226 LYS LYS P . n 
A 1 227 ASP 227 227 227 ASP ASP P . n 
A 1 228 ARG 228 228 228 ARG ARG P . n 
A 1 229 SER 229 229 229 SER SER P . n 
A 1 230 LEU 230 230 230 LEU LEU P . n 
A 1 231 SER 231 231 231 SER SER P . n 
A 1 232 ALA 232 232 232 ALA ALA P . n 
A 1 233 GLN 233 233 233 GLN GLN P . n 
A 1 234 TYR 234 234 234 TYR TYR P . n 
A 1 235 GLU 235 235 235 GLU GLU P . n 
A 1 236 HIS 236 236 236 HIS HIS P . n 
A 1 237 THR 237 237 237 THR THR P . n 
A 1 238 ILE 238 238 238 ILE ILE P . n 
A 1 239 VAL 239 239 239 VAL VAL P . n 
A 1 240 VAL 240 240 240 VAL VAL P . n 
A 1 241 THR 241 241 241 THR THR P . n 
A 1 242 ASP 242 242 242 ASP ASP P . n 
A 1 243 ASN 243 243 243 ASN ASN P . n 
A 1 244 GLY 244 244 244 GLY GLY P . n 
A 1 245 CYS 245 245 245 CYS CYS P . n 
A 1 246 GLU 246 246 246 GLU GLU P . n 
A 1 247 ILE 247 247 247 ILE ILE P . n 
A 1 248 LEU 248 248 248 LEU LEU P . n 
A 1 249 THR 249 249 249 THR THR P . n 
A 1 250 LEU 250 250 250 LEU LEU P . n 
A 1 251 ARG 251 251 251 ARG ARG P . n 
A 1 252 LYS 252 252 252 LYS LYS P . n 
A 1 253 ASP 253 253 253 ASP ASP P . n 
A 1 254 ASP 254 254 254 ASP ASP P . n 
A 1 255 THR 255 255 255 THR THR P . n 
A 1 256 ILE 256 256 256 ILE ILE P . n 
A 1 257 PRO 257 257 257 PRO PRO P . n 
A 1 258 ALA 258 258 258 ALA ALA P . n 
A 1 259 ILE 259 259 259 ILE ILE P . n 
A 1 260 ILE 260 260 260 ILE ILE P . n 
A 1 261 SER 261 261 261 SER SER P . n 
A 1 262 HIS 262 262 262 HIS HIS P . n 
A 1 263 ASP 263 263 263 ASP ASP P . n 
A 1 264 GLU 264 264 ?   ?   ?   P . n 
# 
_exptl.absorpt_coefficient_mu     ? 
_exptl.absorpt_correction_T_max   ? 
_exptl.absorpt_correction_T_min   ? 
_exptl.absorpt_correction_type    ? 
_exptl.absorpt_process_details    ? 
_exptl.entry_id                   6IZ7 
_exptl.crystals_number            ? 
_exptl.details                    ? 
_exptl.method                     'ELECTRON MICROSCOPY' 
_exptl.method_details             ? 
# 
_struct.entry_id                     6IZ7 
_struct.title                        
;E. coli methionine aminopeptidase crystal structure fitted into the cryo-EM density map of E. coli 70S ribosome in complex with methionine aminopeptidase
;
_struct.pdbx_model_details           ? 
_struct.pdbx_formula_weight          ? 
_struct.pdbx_formula_weight_method   ? 
_struct.pdbx_model_type_details      ? 
_struct.pdbx_CASP_flag               N 
# 
_struct_keywords.entry_id        6IZ7 
_struct_keywords.text            
'E. coli 70S ribosome, Protein biogenesis, Methionine aminopeptidase, Methionine excision, Polypeptide exit tunnel, RIBOSOME' 
_struct_keywords.pdbx_keywords   RIBOSOME 
# 
_struct_asym.id                            A 
_struct_asym.pdbx_blank_PDB_chainid_flag   N 
_struct_asym.pdbx_modified                 N 
_struct_asym.entity_id                     1 
_struct_asym.details                       ? 
# 
_struct_ref.id                         1 
_struct_ref.db_name                    UNP 
_struct_ref.db_code                    MAP1_ECOLI 
_struct_ref.pdbx_db_accession          P0AE18 
_struct_ref.pdbx_db_isoform            ? 
_struct_ref.entity_id                  1 
_struct_ref.pdbx_seq_one_letter_code   
;MAISIKTPEDIEKMRVAGRLAAEVLEMIEPYVKPGVSTGELDRICNDYIVNEQHAVSACLGYHGYPKSVCISINEVVCHG
IPDDAKLLKDGDIVNIDVTVIKDGFHGDTSKMFIVGKPTIMGERLCRITQESLYLALRMVKPGINLREIGAAIQKFVEAE
GFSVVREYCGHGIGRGFHEEPQVLHYDSRETNVVLKPGMTFTIEPMVNAGKKEIRTMKDGWTVKTKDRSLSAQYEHTIVV
TDNGCEILTLRKDDTIPAIISHDE
;
_struct_ref.pdbx_align_begin           1 
# 
_struct_ref_seq.align_id                      1 
_struct_ref_seq.ref_id                        1 
_struct_ref_seq.pdbx_PDB_id_code              6IZ7 
_struct_ref_seq.pdbx_strand_id                P 
_struct_ref_seq.seq_align_beg                 1 
_struct_ref_seq.pdbx_seq_align_beg_ins_code   ? 
_struct_ref_seq.seq_align_end                 264 
_struct_ref_seq.pdbx_seq_align_end_ins_code   ? 
_struct_ref_seq.pdbx_db_accession             P0AE18 
_struct_ref_seq.db_align_beg                  1 
_struct_ref_seq.pdbx_db_align_beg_ins_code    ? 
_struct_ref_seq.db_align_end                  264 
_struct_ref_seq.pdbx_db_align_end_ins_code    ? 
_struct_ref_seq.pdbx_auth_seq_align_beg       1 
_struct_ref_seq.pdbx_auth_seq_align_end       264 
# 
_struct_ref_seq_dif.align_id                     1 
_struct_ref_seq_dif.pdbx_pdb_id_code             6IZ7 
_struct_ref_seq_dif.mon_id                       GLN 
_struct_ref_seq_dif.pdbx_pdb_strand_id           P 
_struct_ref_seq_dif.seq_num                      175 
_struct_ref_seq_dif.pdbx_pdb_ins_code            ? 
_struct_ref_seq_dif.pdbx_seq_db_name             UNP 
_struct_ref_seq_dif.pdbx_seq_db_accession_code   P0AE18 
_struct_ref_seq_dif.db_mon_id                    ARG 
_struct_ref_seq_dif.pdbx_seq_db_seq_num          175 
_struct_ref_seq_dif.details                      'engineered mutation' 
_struct_ref_seq_dif.pdbx_auth_seq_num            175 
_struct_ref_seq_dif.pdbx_ordinal                 1 
# 
_pdbx_struct_assembly.id                   1 
_pdbx_struct_assembly.details              author_defined_assembly 
_pdbx_struct_assembly.method_details       ? 
_pdbx_struct_assembly.oligomeric_details   monomeric 
_pdbx_struct_assembly.oligomeric_count     1 
# 
_pdbx_struct_assembly_gen.assembly_id       1 
_pdbx_struct_assembly_gen.oper_expression   1 
_pdbx_struct_assembly_gen.asym_id_list      A 
# 
_pdbx_struct_assembly_auth_evidence.id                     1 
_pdbx_struct_assembly_auth_evidence.assembly_id            1 
_pdbx_struct_assembly_auth_evidence.experimental_support   none 
_pdbx_struct_assembly_auth_evidence.details                ? 
# 
_pdbx_struct_oper_list.id                   1 
_pdbx_struct_oper_list.type                 'identity operation' 
_pdbx_struct_oper_list.name                 1_555 
_pdbx_struct_oper_list.symmetry_operation   ? 
_pdbx_struct_oper_list.matrix[1][1]         1.0000000000 
_pdbx_struct_oper_list.matrix[1][2]         0.0000000000 
_pdbx_struct_oper_list.matrix[1][3]         0.0000000000 
_pdbx_struct_oper_list.vector[1]            0.0000000000 
_pdbx_struct_oper_list.matrix[2][1]         0.0000000000 
_pdbx_struct_oper_list.matrix[2][2]         1.0000000000 
_pdbx_struct_oper_list.matrix[2][3]         0.0000000000 
_pdbx_struct_oper_list.vector[2]            0.0000000000 
_pdbx_struct_oper_list.matrix[3][1]         0.0000000000 
_pdbx_struct_oper_list.matrix[3][2]         0.0000000000 
_pdbx_struct_oper_list.matrix[3][3]         1.0000000000 
_pdbx_struct_oper_list.vector[3]            0.0000000000 
# 
_em_3d_fitting.entry_id          6IZ7 
_em_3d_fitting.id                1 
_em_3d_fitting.details           ? 
_em_3d_fitting.overall_b_value   ? 
_em_3d_fitting.ref_protocol      ? 
_em_3d_fitting.ref_space         ? 
_em_3d_fitting.target_criteria   ? 
_em_3d_fitting.method            ? 
# 
_em_3d_fitting_list.3d_fitting_id                 1 
_em_3d_fitting_list.id                            1 
_em_3d_fitting_list.details                       ? 
_em_3d_fitting_list.pdb_chain_id                  A 
_em_3d_fitting_list.pdb_chain_residue_range       ? 
_em_3d_fitting_list.pdb_entry_id                  1C21 
_em_3d_fitting_list.initial_refinement_model_id   1 
_em_3d_fitting_list.chain_id                      ? 
_em_3d_fitting_list.chain_residue_range           ? 
_em_3d_fitting_list.source_name                   PDB 
_em_3d_fitting_list.type                          'experimental model' 
_em_3d_fitting_list.accession_code                1C21 
# 
_em_3d_reconstruction.entry_id                    6IZ7 
_em_3d_reconstruction.id                          1 
_em_3d_reconstruction.algorithm                   ? 
_em_3d_reconstruction.details                     ? 
_em_3d_reconstruction.refinement_type             ? 
_em_3d_reconstruction.image_processing_id         1 
_em_3d_reconstruction.num_class_averages          ? 
_em_3d_reconstruction.num_particles               35000 
_em_3d_reconstruction.resolution                  11.8 
_em_3d_reconstruction.resolution_method           'FSC 0.143 CUT-OFF' 
_em_3d_reconstruction.symmetry_type               POINT 
_em_3d_reconstruction.method                      ? 
_em_3d_reconstruction.nominal_pixel_size          ? 
_em_3d_reconstruction.actual_pixel_size           ? 
_em_3d_reconstruction.magnification_calibration   ? 
_em_3d_reconstruction.citation_id                 ? 
_em_3d_reconstruction.euler_angles_details        ? 
# 
_em_buffer.id            1 
_em_buffer.details       ? 
_em_buffer.pH            7.5 
_em_buffer.specimen_id   1 
_em_buffer.name          ? 
# 
_em_entity_assembly.id                   1 
_em_entity_assembly.parent_id            0 
_em_entity_assembly.details              ? 
_em_entity_assembly.name                 'E. coli 70S ribosome in complex with methionine aminopeptidase' 
_em_entity_assembly.source               'MULTIPLE SOURCES' 
_em_entity_assembly.type                 RIBOSOME 
_em_entity_assembly.entity_id_list       1 
_em_entity_assembly.synonym              ? 
_em_entity_assembly.oligomeric_details   ? 
# 
_em_image_scans.entry_id                6IZ7 
_em_image_scans.id                      1 
_em_image_scans.dimension_height        4096 
_em_image_scans.dimension_width         4096 
_em_image_scans.frames_per_image        ? 
_em_image_scans.image_recording_id      1 
_em_image_scans.sampling_size           ? 
_em_image_scans.scanner_model           ? 
_em_image_scans.used_frames_per_image   ? 
_em_image_scans.citation_id             ? 
_em_image_scans.number_digital_images   ? 
_em_image_scans.od_range                ? 
_em_image_scans.quant_bit_size          ? 
_em_image_scans.details                 ? 
# 
_em_imaging.id                              1 
_em_imaging.entry_id                        6IZ7 
_em_imaging.accelerating_voltage            300 
_em_imaging.alignment_procedure             ? 
_em_imaging.c2_aperture_diameter            ? 
_em_imaging.calibrated_defocus_max          ? 
_em_imaging.calibrated_defocus_min          ? 
_em_imaging.calibrated_magnification        ? 
_em_imaging.cryogen                         NITROGEN 
_em_imaging.details                         ? 
_em_imaging.electron_source                 'FIELD EMISSION GUN' 
_em_imaging.illumination_mode               'FLOOD BEAM' 
_em_imaging.microscope_model                'FEI POLARA 300' 
_em_imaging.mode                            'BRIGHT FIELD' 
_em_imaging.nominal_cs                      ? 
_em_imaging.nominal_defocus_max             ? 
_em_imaging.nominal_defocus_min             ? 
_em_imaging.nominal_magnification           ? 
_em_imaging.recording_temperature_maximum   ? 
_em_imaging.recording_temperature_minimum   ? 
_em_imaging.residual_tilt                   ? 
_em_imaging.specimen_holder_model           ? 
_em_imaging.specimen_id                     1 
_em_imaging.citation_id                     ? 
_em_imaging.date                            ? 
_em_imaging.temperature                     ? 
_em_imaging.tilt_angle_min                  ? 
_em_imaging.tilt_angle_max                  ? 
_em_imaging.astigmatism                     ? 
_em_imaging.detector_distance               ? 
_em_imaging.electron_beam_tilt_params       ? 
_em_imaging.specimen_holder_type            ? 
# 
_em_sample_support.id               1 
_em_sample_support.specimen_id      1 
_em_sample_support.details          ? 
_em_sample_support.grid_material    COPPER 
_em_sample_support.grid_mesh_size   300 
_em_sample_support.grid_type        'Quantifoil R2/2' 
_em_sample_support.method           ? 
_em_sample_support.film_material    ? 
_em_sample_support.citation_id      ? 
# 
_em_vitrification.id                    1 
_em_vitrification.specimen_id           1 
_em_vitrification.chamber_temperature   ? 
_em_vitrification.cryogen_name          ETHANE 
_em_vitrification.details               ? 
_em_vitrification.humidity              ? 
_em_vitrification.instrument            'FEI VITROBOT MARK IV' 
_em_vitrification.entry_id              6IZ7 
_em_vitrification.citation_id           ? 
_em_vitrification.method                ? 
_em_vitrification.temp                  ? 
_em_vitrification.time_resolved_state   ? 
# 
_em_experiment.entry_id                6IZ7 
_em_experiment.id                      1 
_em_experiment.aggregation_state       PARTICLE 
_em_experiment.reconstruction_method   'SINGLE PARTICLE' 
_em_experiment.entity_assembly_id      1 
# 
loop_
_pdbx_unobs_or_zero_occ_residues.id 
_pdbx_unobs_or_zero_occ_residues.PDB_model_num 
_pdbx_unobs_or_zero_occ_residues.polymer_flag 
_pdbx_unobs_or_zero_occ_residues.occupancy_flag 
_pdbx_unobs_or_zero_occ_residues.auth_asym_id 
_pdbx_unobs_or_zero_occ_residues.auth_comp_id 
_pdbx_unobs_or_zero_occ_residues.auth_seq_id 
_pdbx_unobs_or_zero_occ_residues.PDB_ins_code 
_pdbx_unobs_or_zero_occ_residues.label_asym_id 
_pdbx_unobs_or_zero_occ_residues.label_comp_id 
_pdbx_unobs_or_zero_occ_residues.label_seq_id 
1 1 Y 1 P MET 1   ? A MET 1   
2 1 Y 1 P GLU 264 ? A GLU 264 
# 
loop_
_chem_comp_atom.comp_id 
_chem_comp_atom.atom_id 
_chem_comp_atom.type_symbol 
_chem_comp_atom.pdbx_aromatic_flag 
_chem_comp_atom.pdbx_stereo_config 
_chem_comp_atom.pdbx_ordinal 
ALA N    N N N 1   
ALA CA   C N S 2   
ALA C    C N N 3   
ALA O    O N N 4   
ALA CB   C N N 5   
ALA OXT  O N N 6   
ALA H    H N N 7   
ALA H2   H N N 8   
ALA HA   H N N 9   
ALA HB1  H N N 10  
ALA HB2  H N N 11  
ALA HB3  H N N 12  
ALA HXT  H N N 13  
ARG N    N N N 14  
ARG CA   C N S 15  
ARG C    C N N 16  
ARG O    O N N 17  
ARG CB   C N N 18  
ARG CG   C N N 19  
ARG CD   C N N 20  
ARG NE   N N N 21  
ARG CZ   C N N 22  
ARG NH1  N N N 23  
ARG NH2  N N N 24  
ARG OXT  O N N 25  
ARG H    H N N 26  
ARG H2   H N N 27  
ARG HA   H N N 28  
ARG HB2  H N N 29  
ARG HB3  H N N 30  
ARG HG2  H N N 31  
ARG HG3  H N N 32  
ARG HD2  H N N 33  
ARG HD3  H N N 34  
ARG HE   H N N 35  
ARG HH11 H N N 36  
ARG HH12 H N N 37  
ARG HH21 H N N 38  
ARG HH22 H N N 39  
ARG HXT  H N N 40  
ASN N    N N N 41  
ASN CA   C N S 42  
ASN C    C N N 43  
ASN O    O N N 44  
ASN CB   C N N 45  
ASN CG   C N N 46  
ASN OD1  O N N 47  
ASN ND2  N N N 48  
ASN OXT  O N N 49  
ASN H    H N N 50  
ASN H2   H N N 51  
ASN HA   H N N 52  
ASN HB2  H N N 53  
ASN HB3  H N N 54  
ASN HD21 H N N 55  
ASN HD22 H N N 56  
ASN HXT  H N N 57  
ASP N    N N N 58  
ASP CA   C N S 59  
ASP C    C N N 60  
ASP O    O N N 61  
ASP CB   C N N 62  
ASP CG   C N N 63  
ASP OD1  O N N 64  
ASP OD2  O N N 65  
ASP OXT  O N N 66  
ASP H    H N N 67  
ASP H2   H N N 68  
ASP HA   H N N 69  
ASP HB2  H N N 70  
ASP HB3  H N N 71  
ASP HD2  H N N 72  
ASP HXT  H N N 73  
CYS N    N N N 74  
CYS CA   C N R 75  
CYS C    C N N 76  
CYS O    O N N 77  
CYS CB   C N N 78  
CYS SG   S N N 79  
CYS OXT  O N N 80  
CYS H    H N N 81  
CYS H2   H N N 82  
CYS HA   H N N 83  
CYS HB2  H N N 84  
CYS HB3  H N N 85  
CYS HG   H N N 86  
CYS HXT  H N N 87  
GLN N    N N N 88  
GLN CA   C N S 89  
GLN C    C N N 90  
GLN O    O N N 91  
GLN CB   C N N 92  
GLN CG   C N N 93  
GLN CD   C N N 94  
GLN OE1  O N N 95  
GLN NE2  N N N 96  
GLN OXT  O N N 97  
GLN H    H N N 98  
GLN H2   H N N 99  
GLN HA   H N N 100 
GLN HB2  H N N 101 
GLN HB3  H N N 102 
GLN HG2  H N N 103 
GLN HG3  H N N 104 
GLN HE21 H N N 105 
GLN HE22 H N N 106 
GLN HXT  H N N 107 
GLU N    N N N 108 
GLU CA   C N S 109 
GLU C    C N N 110 
GLU O    O N N 111 
GLU CB   C N N 112 
GLU CG   C N N 113 
GLU CD   C N N 114 
GLU OE1  O N N 115 
GLU OE2  O N N 116 
GLU OXT  O N N 117 
GLU H    H N N 118 
GLU H2   H N N 119 
GLU HA   H N N 120 
GLU HB2  H N N 121 
GLU HB3  H N N 122 
GLU HG2  H N N 123 
GLU HG3  H N N 124 
GLU HE2  H N N 125 
GLU HXT  H N N 126 
GLY N    N N N 127 
GLY CA   C N N 128 
GLY C    C N N 129 
GLY O    O N N 130 
GLY OXT  O N N 131 
GLY H    H N N 132 
GLY H2   H N N 133 
GLY HA2  H N N 134 
GLY HA3  H N N 135 
GLY HXT  H N N 136 
HIS N    N N N 137 
HIS CA   C N S 138 
HIS C    C N N 139 
HIS O    O N N 140 
HIS CB   C N N 141 
HIS CG   C Y N 142 
HIS ND1  N Y N 143 
HIS CD2  C Y N 144 
HIS CE1  C Y N 145 
HIS NE2  N Y N 146 
HIS OXT  O N N 147 
HIS H    H N N 148 
HIS H2   H N N 149 
HIS HA   H N N 150 
HIS HB2  H N N 151 
HIS HB3  H N N 152 
HIS HD1  H N N 153 
HIS HD2  H N N 154 
HIS HE1  H N N 155 
HIS HE2  H N N 156 
HIS HXT  H N N 157 
ILE N    N N N 158 
ILE CA   C N S 159 
ILE C    C N N 160 
ILE O    O N N 161 
ILE CB   C N S 162 
ILE CG1  C N N 163 
ILE CG2  C N N 164 
ILE CD1  C N N 165 
ILE OXT  O N N 166 
ILE H    H N N 167 
ILE H2   H N N 168 
ILE HA   H N N 169 
ILE HB   H N N 170 
ILE HG12 H N N 171 
ILE HG13 H N N 172 
ILE HG21 H N N 173 
ILE HG22 H N N 174 
ILE HG23 H N N 175 
ILE HD11 H N N 176 
ILE HD12 H N N 177 
ILE HD13 H N N 178 
ILE HXT  H N N 179 
LEU N    N N N 180 
LEU CA   C N S 181 
LEU C    C N N 182 
LEU O    O N N 183 
LEU CB   C N N 184 
LEU CG   C N N 185 
LEU CD1  C N N 186 
LEU CD2  C N N 187 
LEU OXT  O N N 188 
LEU H    H N N 189 
LEU H2   H N N 190 
LEU HA   H N N 191 
LEU HB2  H N N 192 
LEU HB3  H N N 193 
LEU HG   H N N 194 
LEU HD11 H N N 195 
LEU HD12 H N N 196 
LEU HD13 H N N 197 
LEU HD21 H N N 198 
LEU HD22 H N N 199 
LEU HD23 H N N 200 
LEU HXT  H N N 201 
LYS N    N N N 202 
LYS CA   C N S 203 
LYS C    C N N 204 
LYS O    O N N 205 
LYS CB   C N N 206 
LYS CG   C N N 207 
LYS CD   C N N 208 
LYS CE   C N N 209 
LYS NZ   N N N 210 
LYS OXT  O N N 211 
LYS H    H N N 212 
LYS H2   H N N 213 
LYS HA   H N N 214 
LYS HB2  H N N 215 
LYS HB3  H N N 216 
LYS HG2  H N N 217 
LYS HG3  H N N 218 
LYS HD2  H N N 219 
LYS HD3  H N N 220 
LYS HE2  H N N 221 
LYS HE3  H N N 222 
LYS HZ1  H N N 223 
LYS HZ2  H N N 224 
LYS HZ3  H N N 225 
LYS HXT  H N N 226 
MET N    N N N 227 
MET CA   C N S 228 
MET C    C N N 229 
MET O    O N N 230 
MET CB   C N N 231 
MET CG   C N N 232 
MET SD   S N N 233 
MET CE   C N N 234 
MET OXT  O N N 235 
MET H    H N N 236 
MET H2   H N N 237 
MET HA   H N N 238 
MET HB2  H N N 239 
MET HB3  H N N 240 
MET HG2  H N N 241 
MET HG3  H N N 242 
MET HE1  H N N 243 
MET HE2  H N N 244 
MET HE3  H N N 245 
MET HXT  H N N 246 
PHE N    N N N 247 
PHE CA   C N S 248 
PHE C    C N N 249 
PHE O    O N N 250 
PHE CB   C N N 251 
PHE CG   C Y N 252 
PHE CD1  C Y N 253 
PHE CD2  C Y N 254 
PHE CE1  C Y N 255 
PHE CE2  C Y N 256 
PHE CZ   C Y N 257 
PHE OXT  O N N 258 
PHE H    H N N 259 
PHE H2   H N N 260 
PHE HA   H N N 261 
PHE HB2  H N N 262 
PHE HB3  H N N 263 
PHE HD1  H N N 264 
PHE HD2  H N N 265 
PHE HE1  H N N 266 
PHE HE2  H N N 267 
PHE HZ   H N N 268 
PHE HXT  H N N 269 
PRO N    N N N 270 
PRO CA   C N S 271 
PRO C    C N N 272 
PRO O    O N N 273 
PRO CB   C N N 274 
PRO CG   C N N 275 
PRO CD   C N N 276 
PRO OXT  O N N 277 
PRO H    H N N 278 
PRO HA   H N N 279 
PRO HB2  H N N 280 
PRO HB3  H N N 281 
PRO HG2  H N N 282 
PRO HG3  H N N 283 
PRO HD2  H N N 284 
PRO HD3  H N N 285 
PRO HXT  H N N 286 
SER N    N N N 287 
SER CA   C N S 288 
SER C    C N N 289 
SER O    O N N 290 
SER CB   C N N 291 
SER OG   O N N 292 
SER OXT  O N N 293 
SER H    H N N 294 
SER H2   H N N 295 
SER HA   H N N 296 
SER HB2  H N N 297 
SER HB3  H N N 298 
SER HG   H N N 299 
SER HXT  H N N 300 
THR N    N N N 301 
THR CA   C N S 302 
THR C    C N N 303 
THR O    O N N 304 
THR CB   C N R 305 
THR OG1  O N N 306 
THR CG2  C N N 307 
THR OXT  O N N 308 
THR H    H N N 309 
THR H2   H N N 310 
THR HA   H N N 311 
THR HB   H N N 312 
THR HG1  H N N 313 
THR HG21 H N N 314 
THR HG22 H N N 315 
THR HG23 H N N 316 
THR HXT  H N N 317 
TRP N    N N N 318 
TRP CA   C N S 319 
TRP C    C N N 320 
TRP O    O N N 321 
TRP CB   C N N 322 
TRP CG   C Y N 323 
TRP CD1  C Y N 324 
TRP CD2  C Y N 325 
TRP NE1  N Y N 326 
TRP CE2  C Y N 327 
TRP CE3  C Y N 328 
TRP CZ2  C Y N 329 
TRP CZ3  C Y N 330 
TRP CH2  C Y N 331 
TRP OXT  O N N 332 
TRP H    H N N 333 
TRP H2   H N N 334 
TRP HA   H N N 335 
TRP HB2  H N N 336 
TRP HB3  H N N 337 
TRP HD1  H N N 338 
TRP HE1  H N N 339 
TRP HE3  H N N 340 
TRP HZ2  H N N 341 
TRP HZ3  H N N 342 
TRP HH2  H N N 343 
TRP HXT  H N N 344 
TYR N    N N N 345 
TYR CA   C N S 346 
TYR C    C N N 347 
TYR O    O N N 348 
TYR CB   C N N 349 
TYR CG   C Y N 350 
TYR CD1  C Y N 351 
TYR CD2  C Y N 352 
TYR CE1  C Y N 353 
TYR CE2  C Y N 354 
TYR CZ   C Y N 355 
TYR OH   O N N 356 
TYR OXT  O N N 357 
TYR H    H N N 358 
TYR H2   H N N 359 
TYR HA   H N N 360 
TYR HB2  H N N 361 
TYR HB3  H N N 362 
TYR HD1  H N N 363 
TYR HD2  H N N 364 
TYR HE1  H N N 365 
TYR HE2  H N N 366 
TYR HH   H N N 367 
TYR HXT  H N N 368 
VAL N    N N N 369 
VAL CA   C N S 370 
VAL C    C N N 371 
VAL O    O N N 372 
VAL CB   C N N 373 
VAL CG1  C N N 374 
VAL CG2  C N N 375 
VAL OXT  O N N 376 
VAL H    H N N 377 
VAL H2   H N N 378 
VAL HA   H N N 379 
VAL HB   H N N 380 
VAL HG11 H N N 381 
VAL HG12 H N N 382 
VAL HG13 H N N 383 
VAL HG21 H N N 384 
VAL HG22 H N N 385 
VAL HG23 H N N 386 
VAL HXT  H N N 387 
# 
loop_
_chem_comp_bond.comp_id 
_chem_comp_bond.atom_id_1 
_chem_comp_bond.atom_id_2 
_chem_comp_bond.value_order 
_chem_comp_bond.pdbx_aromatic_flag 
_chem_comp_bond.pdbx_stereo_config 
_chem_comp_bond.pdbx_ordinal 
ALA N   CA   sing N N 1   
ALA N   H    sing N N 2   
ALA N   H2   sing N N 3   
ALA CA  C    sing N N 4   
ALA CA  CB   sing N N 5   
ALA CA  HA   sing N N 6   
ALA C   O    doub N N 7   
ALA C   OXT  sing N N 8   
ALA CB  HB1  sing N N 9   
ALA CB  HB2  sing N N 10  
ALA CB  HB3  sing N N 11  
ALA OXT HXT  sing N N 12  
ARG N   CA   sing N N 13  
ARG N   H    sing N N 14  
ARG N   H2   sing N N 15  
ARG CA  C    sing N N 16  
ARG CA  CB   sing N N 17  
ARG CA  HA   sing N N 18  
ARG C   O    doub N N 19  
ARG C   OXT  sing N N 20  
ARG CB  CG   sing N N 21  
ARG CB  HB2  sing N N 22  
ARG CB  HB3  sing N N 23  
ARG CG  CD   sing N N 24  
ARG CG  HG2  sing N N 25  
ARG CG  HG3  sing N N 26  
ARG CD  NE   sing N N 27  
ARG CD  HD2  sing N N 28  
ARG CD  HD3  sing N N 29  
ARG NE  CZ   sing N N 30  
ARG NE  HE   sing N N 31  
ARG CZ  NH1  sing N N 32  
ARG CZ  NH2  doub N N 33  
ARG NH1 HH11 sing N N 34  
ARG NH1 HH12 sing N N 35  
ARG NH2 HH21 sing N N 36  
ARG NH2 HH22 sing N N 37  
ARG OXT HXT  sing N N 38  
ASN N   CA   sing N N 39  
ASN N   H    sing N N 40  
ASN N   H2   sing N N 41  
ASN CA  C    sing N N 42  
ASN CA  CB   sing N N 43  
ASN CA  HA   sing N N 44  
ASN C   O    doub N N 45  
ASN C   OXT  sing N N 46  
ASN CB  CG   sing N N 47  
ASN CB  HB2  sing N N 48  
ASN CB  HB3  sing N N 49  
ASN CG  OD1  doub N N 50  
ASN CG  ND2  sing N N 51  
ASN ND2 HD21 sing N N 52  
ASN ND2 HD22 sing N N 53  
ASN OXT HXT  sing N N 54  
ASP N   CA   sing N N 55  
ASP N   H    sing N N 56  
ASP N   H2   sing N N 57  
ASP CA  C    sing N N 58  
ASP CA  CB   sing N N 59  
ASP CA  HA   sing N N 60  
ASP C   O    doub N N 61  
ASP C   OXT  sing N N 62  
ASP CB  CG   sing N N 63  
ASP CB  HB2  sing N N 64  
ASP CB  HB3  sing N N 65  
ASP CG  OD1  doub N N 66  
ASP CG  OD2  sing N N 67  
ASP OD2 HD2  sing N N 68  
ASP OXT HXT  sing N N 69  
CYS N   CA   sing N N 70  
CYS N   H    sing N N 71  
CYS N   H2   sing N N 72  
CYS CA  C    sing N N 73  
CYS CA  CB   sing N N 74  
CYS CA  HA   sing N N 75  
CYS C   O    doub N N 76  
CYS C   OXT  sing N N 77  
CYS CB  SG   sing N N 78  
CYS CB  HB2  sing N N 79  
CYS CB  HB3  sing N N 80  
CYS SG  HG   sing N N 81  
CYS OXT HXT  sing N N 82  
GLN N   CA   sing N N 83  
GLN N   H    sing N N 84  
GLN N   H2   sing N N 85  
GLN CA  C    sing N N 86  
GLN CA  CB   sing N N 87  
GLN CA  HA   sing N N 88  
GLN C   O    doub N N 89  
GLN C   OXT  sing N N 90  
GLN CB  CG   sing N N 91  
GLN CB  HB2  sing N N 92  
GLN CB  HB3  sing N N 93  
GLN CG  CD   sing N N 94  
GLN CG  HG2  sing N N 95  
GLN CG  HG3  sing N N 96  
GLN CD  OE1  doub N N 97  
GLN CD  NE2  sing N N 98  
GLN NE2 HE21 sing N N 99  
GLN NE2 HE22 sing N N 100 
GLN OXT HXT  sing N N 101 
GLU N   CA   sing N N 102 
GLU N   H    sing N N 103 
GLU N   H2   sing N N 104 
GLU CA  C    sing N N 105 
GLU CA  CB   sing N N 106 
GLU CA  HA   sing N N 107 
GLU C   O    doub N N 108 
GLU C   OXT  sing N N 109 
GLU CB  CG   sing N N 110 
GLU CB  HB2  sing N N 111 
GLU CB  HB3  sing N N 112 
GLU CG  CD   sing N N 113 
GLU CG  HG2  sing N N 114 
GLU CG  HG3  sing N N 115 
GLU CD  OE1  doub N N 116 
GLU CD  OE2  sing N N 117 
GLU OE2 HE2  sing N N 118 
GLU OXT HXT  sing N N 119 
GLY N   CA   sing N N 120 
GLY N   H    sing N N 121 
GLY N   H2   sing N N 122 
GLY CA  C    sing N N 123 
GLY CA  HA2  sing N N 124 
GLY CA  HA3  sing N N 125 
GLY C   O    doub N N 126 
GLY C   OXT  sing N N 127 
GLY OXT HXT  sing N N 128 
HIS N   CA   sing N N 129 
HIS N   H    sing N N 130 
HIS N   H2   sing N N 131 
HIS CA  C    sing N N 132 
HIS CA  CB   sing N N 133 
HIS CA  HA   sing N N 134 
HIS C   O    doub N N 135 
HIS C   OXT  sing N N 136 
HIS CB  CG   sing N N 137 
HIS CB  HB2  sing N N 138 
HIS CB  HB3  sing N N 139 
HIS CG  ND1  sing Y N 140 
HIS CG  CD2  doub Y N 141 
HIS ND1 CE1  doub Y N 142 
HIS ND1 HD1  sing N N 143 
HIS CD2 NE2  sing Y N 144 
HIS CD2 HD2  sing N N 145 
HIS CE1 NE2  sing Y N 146 
HIS CE1 HE1  sing N N 147 
HIS NE2 HE2  sing N N 148 
HIS OXT HXT  sing N N 149 
ILE N   CA   sing N N 150 
ILE N   H    sing N N 151 
ILE N   H2   sing N N 152 
ILE CA  C    sing N N 153 
ILE CA  CB   sing N N 154 
ILE CA  HA   sing N N 155 
ILE C   O    doub N N 156 
ILE C   OXT  sing N N 157 
ILE CB  CG1  sing N N 158 
ILE CB  CG2  sing N N 159 
ILE CB  HB   sing N N 160 
ILE CG1 CD1  sing N N 161 
ILE CG1 HG12 sing N N 162 
ILE CG1 HG13 sing N N 163 
ILE CG2 HG21 sing N N 164 
ILE CG2 HG22 sing N N 165 
ILE CG2 HG23 sing N N 166 
ILE CD1 HD11 sing N N 167 
ILE CD1 HD12 sing N N 168 
ILE CD1 HD13 sing N N 169 
ILE OXT HXT  sing N N 170 
LEU N   CA   sing N N 171 
LEU N   H    sing N N 172 
LEU N   H2   sing N N 173 
LEU CA  C    sing N N 174 
LEU CA  CB   sing N N 175 
LEU CA  HA   sing N N 176 
LEU C   O    doub N N 177 
LEU C   OXT  sing N N 178 
LEU CB  CG   sing N N 179 
LEU CB  HB2  sing N N 180 
LEU CB  HB3  sing N N 181 
LEU CG  CD1  sing N N 182 
LEU CG  CD2  sing N N 183 
LEU CG  HG   sing N N 184 
LEU CD1 HD11 sing N N 185 
LEU CD1 HD12 sing N N 186 
LEU CD1 HD13 sing N N 187 
LEU CD2 HD21 sing N N 188 
LEU CD2 HD22 sing N N 189 
LEU CD2 HD23 sing N N 190 
LEU OXT HXT  sing N N 191 
LYS N   CA   sing N N 192 
LYS N   H    sing N N 193 
LYS N   H2   sing N N 194 
LYS CA  C    sing N N 195 
LYS CA  CB   sing N N 196 
LYS CA  HA   sing N N 197 
LYS C   O    doub N N 198 
LYS C   OXT  sing N N 199 
LYS CB  CG   sing N N 200 
LYS CB  HB2  sing N N 201 
LYS CB  HB3  sing N N 202 
LYS CG  CD   sing N N 203 
LYS CG  HG2  sing N N 204 
LYS CG  HG3  sing N N 205 
LYS CD  CE   sing N N 206 
LYS CD  HD2  sing N N 207 
LYS CD  HD3  sing N N 208 
LYS CE  NZ   sing N N 209 
LYS CE  HE2  sing N N 210 
LYS CE  HE3  sing N N 211 
LYS NZ  HZ1  sing N N 212 
LYS NZ  HZ2  sing N N 213 
LYS NZ  HZ3  sing N N 214 
LYS OXT HXT  sing N N 215 
MET N   CA   sing N N 216 
MET N   H    sing N N 217 
MET N   H2   sing N N 218 
MET CA  C    sing N N 219 
MET CA  CB   sing N N 220 
MET CA  HA   sing N N 221 
MET C   O    doub N N 222 
MET C   OXT  sing N N 223 
MET CB  CG   sing N N 224 
MET CB  HB2  sing N N 225 
MET CB  HB3  sing N N 226 
MET CG  SD   sing N N 227 
MET CG  HG2  sing N N 228 
MET CG  HG3  sing N N 229 
MET SD  CE   sing N N 230 
MET CE  HE1  sing N N 231 
MET CE  HE2  sing N N 232 
MET CE  HE3  sing N N 233 
MET OXT HXT  sing N N 234 
PHE N   CA   sing N N 235 
PHE N   H    sing N N 236 
PHE N   H2   sing N N 237 
PHE CA  C    sing N N 238 
PHE CA  CB   sing N N 239 
PHE CA  HA   sing N N 240 
PHE C   O    doub N N 241 
PHE C   OXT  sing N N 242 
PHE CB  CG   sing N N 243 
PHE CB  HB2  sing N N 244 
PHE CB  HB3  sing N N 245 
PHE CG  CD1  doub Y N 246 
PHE CG  CD2  sing Y N 247 
PHE CD1 CE1  sing Y N 248 
PHE CD1 HD1  sing N N 249 
PHE CD2 CE2  doub Y N 250 
PHE CD2 HD2  sing N N 251 
PHE CE1 CZ   doub Y N 252 
PHE CE1 HE1  sing N N 253 
PHE CE2 CZ   sing Y N 254 
PHE CE2 HE2  sing N N 255 
PHE CZ  HZ   sing N N 256 
PHE OXT HXT  sing N N 257 
PRO N   CA   sing N N 258 
PRO N   CD   sing N N 259 
PRO N   H    sing N N 260 
PRO CA  C    sing N N 261 
PRO CA  CB   sing N N 262 
PRO CA  HA   sing N N 263 
PRO C   O    doub N N 264 
PRO C   OXT  sing N N 265 
PRO CB  CG   sing N N 266 
PRO CB  HB2  sing N N 267 
PRO CB  HB3  sing N N 268 
PRO CG  CD   sing N N 269 
PRO CG  HG2  sing N N 270 
PRO CG  HG3  sing N N 271 
PRO CD  HD2  sing N N 272 
PRO CD  HD3  sing N N 273 
PRO OXT HXT  sing N N 274 
SER N   CA   sing N N 275 
SER N   H    sing N N 276 
SER N   H2   sing N N 277 
SER CA  C    sing N N 278 
SER CA  CB   sing N N 279 
SER CA  HA   sing N N 280 
SER C   O    doub N N 281 
SER C   OXT  sing N N 282 
SER CB  OG   sing N N 283 
SER CB  HB2  sing N N 284 
SER CB  HB3  sing N N 285 
SER OG  HG   sing N N 286 
SER OXT HXT  sing N N 287 
THR N   CA   sing N N 288 
THR N   H    sing N N 289 
THR N   H2   sing N N 290 
THR CA  C    sing N N 291 
THR CA  CB   sing N N 292 
THR CA  HA   sing N N 293 
THR C   O    doub N N 294 
THR C   OXT  sing N N 295 
THR CB  OG1  sing N N 296 
THR CB  CG2  sing N N 297 
THR CB  HB   sing N N 298 
THR OG1 HG1  sing N N 299 
THR CG2 HG21 sing N N 300 
THR CG2 HG22 sing N N 301 
THR CG2 HG23 sing N N 302 
THR OXT HXT  sing N N 303 
TRP N   CA   sing N N 304 
TRP N   H    sing N N 305 
TRP N   H2   sing N N 306 
TRP CA  C    sing N N 307 
TRP CA  CB   sing N N 308 
TRP CA  HA   sing N N 309 
TRP C   O    doub N N 310 
TRP C   OXT  sing N N 311 
TRP CB  CG   sing N N 312 
TRP CB  HB2  sing N N 313 
TRP CB  HB3  sing N N 314 
TRP CG  CD1  doub Y N 315 
TRP CG  CD2  sing Y N 316 
TRP CD1 NE1  sing Y N 317 
TRP CD1 HD1  sing N N 318 
TRP CD2 CE2  doub Y N 319 
TRP CD2 CE3  sing Y N 320 
TRP NE1 CE2  sing Y N 321 
TRP NE1 HE1  sing N N 322 
TRP CE2 CZ2  sing Y N 323 
TRP CE3 CZ3  doub Y N 324 
TRP CE3 HE3  sing N N 325 
TRP CZ2 CH2  doub Y N 326 
TRP CZ2 HZ2  sing N N 327 
TRP CZ3 CH2  sing Y N 328 
TRP CZ3 HZ3  sing N N 329 
TRP CH2 HH2  sing N N 330 
TRP OXT HXT  sing N N 331 
TYR N   CA   sing N N 332 
TYR N   H    sing N N 333 
TYR N   H2   sing N N 334 
TYR CA  C    sing N N 335 
TYR CA  CB   sing N N 336 
TYR CA  HA   sing N N 337 
TYR C   O    doub N N 338 
TYR C   OXT  sing N N 339 
TYR CB  CG   sing N N 340 
TYR CB  HB2  sing N N 341 
TYR CB  HB3  sing N N 342 
TYR CG  CD1  doub Y N 343 
TYR CG  CD2  sing Y N 344 
TYR CD1 CE1  sing Y N 345 
TYR CD1 HD1  sing N N 346 
TYR CD2 CE2  doub Y N 347 
TYR CD2 HD2  sing N N 348 
TYR CE1 CZ   doub Y N 349 
TYR CE1 HE1  sing N N 350 
TYR CE2 CZ   sing Y N 351 
TYR CE2 HE2  sing N N 352 
TYR CZ  OH   sing N N 353 
TYR OH  HH   sing N N 354 
TYR OXT HXT  sing N N 355 
VAL N   CA   sing N N 356 
VAL N   H    sing N N 357 
VAL N   H2   sing N N 358 
VAL CA  C    sing N N 359 
VAL CA  CB   sing N N 360 
VAL CA  HA   sing N N 361 
VAL C   O    doub N N 362 
VAL C   OXT  sing N N 363 
VAL CB  CG1  sing N N 364 
VAL CB  CG2  sing N N 365 
VAL CB  HB   sing N N 366 
VAL CG1 HG11 sing N N 367 
VAL CG1 HG12 sing N N 368 
VAL CG1 HG13 sing N N 369 
VAL CG2 HG21 sing N N 370 
VAL CG2 HG22 sing N N 371 
VAL CG2 HG23 sing N N 372 
VAL OXT HXT  sing N N 373 
# 
_em_ctf_correction.id                       1 
_em_ctf_correction.em_image_processing_id   1 
_em_ctf_correction.type                     'PHASE FLIPPING ONLY' 
_em_ctf_correction.details                  ? 
# 
_em_entity_assembly_naturalsource.cellular_location    ? 
_em_entity_assembly_naturalsource.entity_assembly_id   1 
_em_entity_assembly_naturalsource.id                   1 
_em_entity_assembly_naturalsource.ncbi_tax_id          83333 
_em_entity_assembly_naturalsource.organ                ? 
_em_entity_assembly_naturalsource.organelle            ? 
_em_entity_assembly_naturalsource.organism             'Escherichia coli K-12' 
_em_entity_assembly_naturalsource.strain               ? 
_em_entity_assembly_naturalsource.tissue               ? 
_em_entity_assembly_naturalsource.cell                 ? 
# 
_em_entity_assembly_recombinant.entity_assembly_id   1 
_em_entity_assembly_recombinant.id                   1 
_em_entity_assembly_recombinant.ncbi_tax_id          562 
_em_entity_assembly_recombinant.organism             'Escherichia coli' 
_em_entity_assembly_recombinant.plasmid              ? 
_em_entity_assembly_recombinant.strain               ? 
_em_entity_assembly_recombinant.cell                 ? 
# 
_em_image_processing.id                   1 
_em_image_processing.image_recording_id   1 
_em_image_processing.details              ? 
# 
_em_image_recording.id                            1 
_em_image_recording.imaging_id                    1 
_em_image_recording.avg_electron_dose_per_image   10 
_em_image_recording.average_exposure_time         ? 
_em_image_recording.details                       ? 
_em_image_recording.detector_mode                 ? 
_em_image_recording.film_or_detector_model        'FEI EAGLE (4k x 4k)' 
_em_image_recording.num_diffraction_images        ? 
_em_image_recording.num_grids_imaged              ? 
_em_image_recording.num_real_images               ? 
# 
_em_imaging_optics.id                         1 
_em_imaging_optics.imaging_id                 1 
_em_imaging_optics.chr_aberration_corrector   ? 
_em_imaging_optics.energyfilter_lower         ? 
_em_imaging_optics.energyfilter_name          ? 
_em_imaging_optics.energyfilter_upper         ? 
_em_imaging_optics.energyfilter_slit_width    ? 
_em_imaging_optics.phase_plate                ? 
_em_imaging_optics.sph_aberration_corrector   ? 
# 
loop_
_em_software.id 
_em_software.category 
_em_software.details 
_em_software.name 
_em_software.version 
_em_software.image_processing_id 
_em_software.fitting_id 
_em_software.imaging_id 
1  'PARTICLE SELECTION'       ? ?      ? 1 ? ? 
2  'IMAGE ACQUISITION'        ? ?      ? ? ? 1 
3  MASKING                    ? ?      ? ? ? ? 
4  'CTF CORRECTION'           ? ?      ? 1 ? ? 
5  'LAYERLINE INDEXING'       ? ?      ? ? ? ? 
6  'DIFFRACTION INDEXING'     ? ?      ? ? ? ? 
7  'MODEL FITTING'            ? ?      ? ? 1 ? 
8  OTHER                      ? ?      ? ? ? ? 
9  'INITIAL EULER ASSIGNMENT' ? ?      ? 1 ? ? 
10 'FINAL EULER ASSIGNMENT'   ? ?      ? 1 ? ? 
11 CLASSIFICATION             ? ?      ? 1 ? ? 
12 RECONSTRUCTION             ? SPIDER ? 1 ? ? 
13 'MODEL REFINEMENT'         ? ?      ? ? 1 ? 
# 
_em_specimen.id                      1 
_em_specimen.experiment_id           1 
_em_specimen.concentration           ? 
_em_specimen.details                 ? 
_em_specimen.embedding_applied       NO 
_em_specimen.shadowing_applied       NO 
_em_specimen.staining_applied        NO 
_em_specimen.vitrification_applied   YES 
# 
loop_
_pdbx_audit_support.funding_organization 
_pdbx_audit_support.country 
_pdbx_audit_support.grant_number 
_pdbx_audit_support.ordinal 
'Council of Scientific & Industrial Research' India ?                  1 
'Department of Science & Technology (India)'  India SB/SO/BB-0025/2014 2 
# 
_pdbx_coordinate_model.asym_id   A 
_pdbx_coordinate_model.type      'CA ATOMS ONLY' 
# 
_pdbx_initial_refinement_model.id               1 
_pdbx_initial_refinement_model.type             'experimental model' 
_pdbx_initial_refinement_model.source_name      PDB 
_pdbx_initial_refinement_model.accession_code   1C21 
# 
_atom_sites.entry_id                    6IZ7 
_atom_sites.fract_transf_matrix[1][1]   1.000000 
_atom_sites.fract_transf_matrix[1][2]   0.000000 
_atom_sites.fract_transf_matrix[1][3]   0.000000 
_atom_sites.fract_transf_matrix[2][1]   0.000000 
_atom_sites.fract_transf_matrix[2][2]   1.000000 
_atom_sites.fract_transf_matrix[2][3]   0.000000 
_atom_sites.fract_transf_matrix[3][1]   0.000000 
_atom_sites.fract_transf_matrix[3][2]   0.000000 
_atom_sites.fract_transf_matrix[3][3]   1.000000 
_atom_sites.fract_transf_vector[1]      0.00000 
_atom_sites.fract_transf_vector[2]      0.00000 
_atom_sites.fract_transf_vector[3]      0.00000 
# 
_atom_type.symbol   C 
# 
loop_
_atom_site.group_PDB 
_atom_site.id 
_atom_site.type_symbol 
_atom_site.label_atom_id 
_atom_site.label_alt_id 
_atom_site.label_comp_id 
_atom_site.label_asym_id 
_atom_site.label_entity_id 
_atom_site.label_seq_id 
_atom_site.pdbx_PDB_ins_code 
_atom_site.Cartn_x 
_atom_site.Cartn_y 
_atom_site.Cartn_z 
_atom_site.occupancy 
_atom_site.B_iso_or_equiv 
_atom_site.pdbx_formal_charge 
_atom_site.auth_seq_id 
_atom_site.auth_comp_id 
_atom_site.auth_asym_id 
_atom_site.auth_atom_id 
_atom_site.pdbx_PDB_model_num 
ATOM 1   C CA . ALA A 1 2   ? 9.835   0.991   -17.607 1.00 0.00 ? 2   ALA P CA 1 
ATOM 2   C CA . ILE A 1 3   ? 11.797  -0.875  -14.963 1.00 0.00 ? 3   ILE P CA 1 
ATOM 3   C CA . SER A 1 4   ? 11.602  2.169   -12.740 1.00 0.00 ? 4   SER P CA 1 
ATOM 4   C CA . ILE A 1 5   ? 14.472  3.787   -14.569 1.00 0.00 ? 5   ILE P CA 1 
ATOM 5   C CA . LYS A 1 6   ? 13.739  7.390   -13.715 1.00 0.00 ? 6   LYS P CA 1 
ATOM 6   C CA . THR A 1 7   ? 15.329  10.536  -14.952 1.00 0.00 ? 7   THR P CA 1 
ATOM 7   C CA . PRO A 1 8   ? 15.714  13.481  -12.550 1.00 0.00 ? 8   PRO P CA 1 
ATOM 8   C CA . GLU A 1 9   ? 12.727  15.096  -14.237 1.00 0.00 ? 9   GLU P CA 1 
ATOM 9   C CA . ASP A 1 10  ? 10.591  12.007  -13.695 1.00 0.00 ? 10  ASP P CA 1 
ATOM 10  C CA . ILE A 1 11  ? 11.527  11.781  -9.965  1.00 0.00 ? 11  ILE P CA 1 
ATOM 11  C CA . GLU A 1 12  ? 10.289  15.362  -9.226  1.00 0.00 ? 12  GLU P CA 1 
ATOM 12  C CA . LYS A 1 13  ? 7.018   14.396  -10.808 1.00 0.00 ? 13  LYS P CA 1 
ATOM 13  C CA . MET A 1 14  ? 6.959   11.177  -8.688  1.00 0.00 ? 14  MET P CA 1 
ATOM 14  C CA . ARG A 1 15  ? 7.361   13.344  -5.570  1.00 0.00 ? 15  ARG P CA 1 
ATOM 15  C CA . VAL A 1 16  ? 4.285   15.321  -6.536  1.00 0.00 ? 16  VAL P CA 1 
ATOM 16  C CA . ALA A 1 17  ? 2.254   12.200  -7.379  1.00 0.00 ? 17  ALA P CA 1 
ATOM 17  C CA . GLY A 1 18  ? 3.460   10.468  -4.256  1.00 0.00 ? 18  GLY P CA 1 
ATOM 18  C CA . ARG A 1 19  ? 2.593   13.387  -2.024  1.00 0.00 ? 19  ARG P CA 1 
ATOM 19  C CA . LEU A 1 20  ? -0.916  13.658  -3.451  1.00 0.00 ? 20  LEU P CA 1 
ATOM 20  C CA . ALA A 1 21  ? -1.660  9.927   -2.927  1.00 0.00 ? 21  ALA P CA 1 
ATOM 21  C CA . ALA A 1 22  ? -0.260  10.088  0.610   1.00 0.00 ? 22  ALA P CA 1 
ATOM 22  C CA . GLU A 1 23  ? -2.381  13.144  1.250   1.00 0.00 ? 23  GLU P CA 1 
ATOM 23  C CA . VAL A 1 24  ? -5.558  11.230  0.313   1.00 0.00 ? 24  VAL P CA 1 
ATOM 24  C CA . LEU A 1 25  ? -4.914  8.597   2.974   1.00 0.00 ? 25  LEU P CA 1 
ATOM 25  C CA . GLU A 1 26  ? -4.326  11.254  5.545   1.00 0.00 ? 26  GLU P CA 1 
ATOM 26  C CA . MET A 1 27  ? -7.452  13.095  4.335   1.00 0.00 ? 27  MET P CA 1 
ATOM 27  C CA . ILE A 1 28  ? -9.628  10.030  4.564   1.00 0.00 ? 28  ILE P CA 1 
ATOM 28  C CA . GLU A 1 29  ? -8.345  9.265   8.098   1.00 0.00 ? 29  GLU P CA 1 
ATOM 29  C CA . PRO A 1 30  ? -10.804 11.686  9.921   1.00 0.00 ? 30  PRO P CA 1 
ATOM 30  C CA . TYR A 1 31  ? -13.730 10.328  7.891   1.00 0.00 ? 31  TYR P CA 1 
ATOM 31  C CA . VAL A 1 32  ? -13.102 6.906   9.463   1.00 0.00 ? 32  VAL P CA 1 
ATOM 32  C CA . LYS A 1 33  ? -15.376 6.887   12.531  1.00 0.00 ? 33  LYS P CA 1 
ATOM 33  C CA . PRO A 1 34  ? -17.990 4.375   13.887  1.00 0.00 ? 34  PRO P CA 1 
ATOM 34  C CA . GLY A 1 35  ? -20.866 3.411   11.585  1.00 0.00 ? 35  GLY P CA 1 
ATOM 35  C CA . VAL A 1 36  ? -19.409 4.764   8.320   1.00 0.00 ? 36  VAL P CA 1 
ATOM 36  C CA . SER A 1 37  ? -19.512 2.656   5.232   1.00 0.00 ? 37  SER P CA 1 
ATOM 37  C CA . THR A 1 38  ? -16.572 1.969   3.044   1.00 0.00 ? 38  THR P CA 1 
ATOM 38  C CA . GLY A 1 39  ? -18.552 3.154   0.033   1.00 0.00 ? 39  GLY P CA 1 
ATOM 39  C CA . GLU A 1 40  ? -18.492 6.663   1.492   1.00 0.00 ? 40  GLU P CA 1 
ATOM 40  C CA . LEU A 1 41  ? -14.727 6.405   2.144   1.00 0.00 ? 41  LEU P CA 1 
ATOM 41  C CA . ASP A 1 42  ? -14.032 5.550   -1.499  1.00 0.00 ? 42  ASP P CA 1 
ATOM 42  C CA . ARG A 1 43  ? -16.279 8.387   -2.807  1.00 0.00 ? 43  ARG P CA 1 
ATOM 43  C CA . ILE A 1 44  ? -14.682 11.020  -0.561  1.00 0.00 ? 44  ILE P CA 1 
ATOM 44  C CA . CYS A 1 45  ? -11.196 9.894   -1.598  1.00 0.00 ? 45  CYS P CA 1 
ATOM 45  C CA . ASN A 1 46  ? -12.224 9.918   -5.305  1.00 0.00 ? 46  ASN P CA 1 
ATOM 46  C CA . ASP A 1 47  ? -13.925 13.348  -5.224  1.00 0.00 ? 47  ASP P CA 1 
ATOM 47  C CA . TYR A 1 48  ? -10.930 14.821  -3.461  1.00 0.00 ? 48  TYR P CA 1 
ATOM 48  C CA . ILE A 1 49  ? -8.457  13.418  -6.031  1.00 0.00 ? 49  ILE P CA 1 
ATOM 49  C CA . VAL A 1 50  ? -10.365 14.601  -9.110  1.00 0.00 ? 50  VAL P CA 1 
ATOM 50  C CA . ASN A 1 51  ? -11.901 17.945  -8.073  1.00 0.00 ? 51  ASN P CA 1 
ATOM 51  C CA . GLU A 1 52  ? -9.398  19.362  -5.572  1.00 0.00 ? 52  GLU P CA 1 
ATOM 52  C CA . GLN A 1 53  ? -6.011  17.761  -6.348  1.00 0.00 ? 53  GLN P CA 1 
ATOM 53  C CA . HIS A 1 54  ? -6.607  18.007  -10.152 1.00 0.00 ? 54  HIS P CA 1 
ATOM 54  C CA . ALA A 1 55  ? -5.217  14.492  -10.222 1.00 0.00 ? 55  ALA P CA 1 
ATOM 55  C CA . VAL A 1 56  ? -6.690  11.097  -10.929 1.00 0.00 ? 56  VAL P CA 1 
ATOM 56  C CA . SER A 1 57  ? -7.363  7.744   -9.195  1.00 0.00 ? 57  SER P CA 1 
ATOM 57  C CA . ALA A 1 58  ? -5.540  4.718   -10.674 1.00 0.00 ? 58  ALA P CA 1 
ATOM 58  C CA . CYS A 1 59  ? -7.392  1.742   -9.072  1.00 0.00 ? 59  CYS P CA 1 
ATOM 59  C CA . LEU A 1 60  ? -10.262 2.735   -11.401 1.00 0.00 ? 60  LEU P CA 1 
ATOM 60  C CA . GLY A 1 61  ? -10.066 0.853   -14.673 1.00 0.00 ? 61  GLY P CA 1 
ATOM 61  C CA . TYR A 1 62  ? -6.705  -0.832  -13.907 1.00 0.00 ? 62  TYR P CA 1 
ATOM 62  C CA . HIS A 1 63  ? -6.905  -4.439  -15.169 1.00 0.00 ? 63  HIS P CA 1 
ATOM 63  C CA . GLY A 1 64  ? -10.712 -4.328  -14.929 1.00 0.00 ? 64  GLY P CA 1 
ATOM 64  C CA . TYR A 1 65  ? -10.713 -3.254  -11.265 1.00 0.00 ? 65  TYR P CA 1 
ATOM 65  C CA . PRO A 1 66  ? -13.529 -0.682  -11.411 1.00 0.00 ? 66  PRO P CA 1 
ATOM 66  C CA . LYS A 1 67  ? -13.377 1.241   -8.092  1.00 0.00 ? 67  LYS P CA 1 
ATOM 67  C CA . SER A 1 68  ? -11.303 4.422   -7.725  1.00 0.00 ? 68  SER P CA 1 
ATOM 68  C CA . VAL A 1 69  ? -9.415  3.226   -4.687  1.00 0.00 ? 69  VAL P CA 1 
ATOM 69  C CA . CYS A 1 70  ? -9.313  -0.308  -3.293  1.00 0.00 ? 70  CYS P CA 1 
ATOM 70  C CA . ILE A 1 71  ? -10.875 -0.474  0.106   1.00 0.00 ? 71  ILE P CA 1 
ATOM 71  C CA . SER A 1 72  ? -10.318 -3.738  1.831   1.00 0.00 ? 72  SER P CA 1 
ATOM 72  C CA . ILE A 1 73  ? -12.222 -4.404  4.983   1.00 0.00 ? 73  ILE P CA 1 
ATOM 73  C CA . ASN A 1 74  ? -11.359 -7.215  7.346   1.00 0.00 ? 74  ASN P CA 1 
ATOM 74  C CA . GLU A 1 75  ? -12.039 -10.570 5.649   1.00 0.00 ? 75  GLU P CA 1 
ATOM 75  C CA . VAL A 1 76  ? -11.604 -8.933  2.252   1.00 0.00 ? 76  VAL P CA 1 
ATOM 76  C CA . VAL A 1 77  ? -7.863  -9.135  1.442   1.00 0.00 ? 77  VAL P CA 1 
ATOM 77  C CA . CYS A 1 78  ? -7.508  -6.661  -1.464  1.00 0.00 ? 78  CYS P CA 1 
ATOM 78  C CA . HIS A 1 79  ? -9.359  -5.296  -4.519  1.00 0.00 ? 79  HIS P CA 1 
ATOM 79  C CA . GLY A 1 80  ? -12.155 -4.925  -2.070  1.00 0.00 ? 80  GLY P CA 1 
ATOM 80  C CA . ILE A 1 81  ? -15.290 -3.590  -3.606  1.00 0.00 ? 81  ILE P CA 1 
ATOM 81  C CA . PRO A 1 82  ? -16.498 -1.138  -0.966  1.00 0.00 ? 82  PRO P CA 1 
ATOM 82  C CA . ASP A 1 83  ? -20.060 -1.731  -0.250  1.00 0.00 ? 83  ASP P CA 1 
ATOM 83  C CA . ASP A 1 84  ? -22.330 0.860   1.262   1.00 0.00 ? 84  ASP P CA 1 
ATOM 84  C CA . ALA A 1 85  ? -24.189 -2.136  2.636   1.00 0.00 ? 85  ALA P CA 1 
ATOM 85  C CA . LYS A 1 86  ? -21.062 -2.743  4.728   1.00 0.00 ? 86  LYS P CA 1 
ATOM 86  C CA . LEU A 1 87  ? -20.685 -0.474  7.752   1.00 0.00 ? 87  LEU P CA 1 
ATOM 87  C CA . LEU A 1 88  ? -17.372 -0.543  9.598   1.00 0.00 ? 88  LEU P CA 1 
ATOM 88  C CA . LYS A 1 89  ? -17.256 -1.979  13.192  1.00 0.00 ? 89  LYS P CA 1 
ATOM 89  C CA . ASP A 1 90  ? -15.238 -1.450  16.369  1.00 0.00 ? 90  ASP P CA 1 
ATOM 90  C CA . GLY A 1 91  ? -11.616 -2.268  15.990  1.00 0.00 ? 91  GLY P CA 1 
ATOM 91  C CA . ASP A 1 92  ? -12.187 -3.374  12.437  1.00 0.00 ? 92  ASP P CA 1 
ATOM 92  C CA . ILE A 1 93  ? -9.396  -2.692  10.101  1.00 0.00 ? 93  ILE P CA 1 
ATOM 93  C CA . VAL A 1 94  ? -9.830  -1.429  6.654   1.00 0.00 ? 94  VAL P CA 1 
ATOM 94  C CA . ASN A 1 95  ? -7.246  -0.536  4.071   1.00 0.00 ? 95  ASN P CA 1 
ATOM 95  C CA . ILE A 1 96  ? -7.679  2.406   1.810   1.00 0.00 ? 96  ILE P CA 1 
ATOM 96  C CA . ASP A 1 97  ? -5.234  1.956   -0.919  1.00 0.00 ? 97  ASP P CA 1 
ATOM 97  C CA . VAL A 1 98  ? -5.060  5.109   -2.819  1.00 0.00 ? 98  VAL P CA 1 
ATOM 98  C CA . THR A 1 99  ? -3.062  5.432   -5.940  1.00 0.00 ? 99  THR P CA 1 
ATOM 99  C CA . VAL A 1 100 ? -2.968  8.908   -7.408  1.00 0.00 ? 100 VAL P CA 1 
ATOM 100 C CA . ILE A 1 101 ? -1.288  9.611   -10.698 1.00 0.00 ? 101 ILE P CA 1 
ATOM 101 C CA . LYS A 1 102 ? 0.255   13.035  -11.201 1.00 0.00 ? 102 LYS P CA 1 
ATOM 102 C CA . ASP A 1 103 ? 2.380   13.931  -14.246 1.00 0.00 ? 103 ASP P CA 1 
ATOM 103 C CA . GLY A 1 104 ? 1.736   10.387  -15.471 1.00 0.00 ? 104 GLY P CA 1 
ATOM 104 C CA . PHE A 1 105 ? 3.664   8.988   -12.497 1.00 0.00 ? 105 PHE P CA 1 
ATOM 105 C CA . HIS A 1 106 ? 1.928   7.055   -9.743  1.00 0.00 ? 106 HIS P CA 1 
ATOM 106 C CA . GLY A 1 107 ? 2.142   7.362   -6.040  1.00 0.00 ? 107 GLY P CA 1 
ATOM 107 C CA . ASP A 1 108 ? 0.560   4.288   -4.520  1.00 0.00 ? 108 ASP P CA 1 
ATOM 108 C CA . THR A 1 109 ? 0.180   4.059   -0.855  1.00 0.00 ? 109 THR P CA 1 
ATOM 109 C CA . SER A 1 110 ? -2.284  2.522   1.412   1.00 0.00 ? 110 SER P CA 1 
ATOM 110 C CA . LYS A 1 111 ? -2.712  2.451   5.056   1.00 0.00 ? 111 LYS P CA 1 
ATOM 111 C CA . MET A 1 112 ? -4.940  0.839   7.518   1.00 0.00 ? 112 MET P CA 1 
ATOM 112 C CA . PHE A 1 113 ? -7.341  2.706   9.682   1.00 0.00 ? 113 PHE P CA 1 
ATOM 113 C CA . ILE A 1 114 ? -8.750  1.152   12.801  1.00 0.00 ? 114 ILE P CA 1 
ATOM 114 C CA . VAL A 1 115 ? -12.400 1.929   13.038  1.00 0.00 ? 115 VAL P CA 1 
ATOM 115 C CA . GLY A 1 116 ? -13.535 3.265   16.384  1.00 0.00 ? 116 GLY P CA 1 
ATOM 116 C CA . LYS A 1 117 ? -12.021 1.825   19.541  1.00 0.00 ? 117 LYS P CA 1 
ATOM 117 C CA . PRO A 1 118 ? -9.474  -0.771  18.559  1.00 0.00 ? 118 PRO P CA 1 
ATOM 118 C CA . THR A 1 119 ? -10.040 -4.382  19.181  1.00 0.00 ? 119 THR P CA 1 
ATOM 119 C CA . ILE A 1 120 ? -6.904  -6.416  19.795  1.00 0.00 ? 120 ILE P CA 1 
ATOM 120 C CA . MET A 1 121 ? -7.106  -7.926  16.375  1.00 0.00 ? 121 MET P CA 1 
ATOM 121 C CA . GLY A 1 122 ? -7.313  -4.685  14.421  1.00 0.00 ? 122 GLY P CA 1 
ATOM 122 C CA . GLU A 1 123 ? -4.440  -2.583  15.802  1.00 0.00 ? 123 GLU P CA 1 
ATOM 123 C CA . ARG A 1 124 ? -2.045  -5.492  16.092  1.00 0.00 ? 124 ARG P CA 1 
ATOM 124 C CA . LEU A 1 125 ? -2.433  -6.692  12.513  1.00 0.00 ? 125 LEU P CA 1 
ATOM 125 C CA . CYS A 1 126 ? -2.254  -3.183  11.103  1.00 0.00 ? 126 CYS P CA 1 
ATOM 126 C CA . ARG A 1 127 ? 0.569   -2.103  13.313  1.00 0.00 ? 127 ARG P CA 1 
ATOM 127 C CA . ILE A 1 128 ? 2.614   -5.031  12.247  1.00 0.00 ? 128 ILE P CA 1 
ATOM 128 C CA . THR A 1 129 ? 1.801   -4.281  8.658   1.00 0.00 ? 129 THR P CA 1 
ATOM 129 C CA . GLN A 1 130 ? 2.781   -0.637  9.069   1.00 0.00 ? 130 GLN P CA 1 
ATOM 130 C CA . GLU A 1 131 ? 5.927   -1.659  10.831  1.00 0.00 ? 131 GLU P CA 1 
ATOM 131 C CA . SER A 1 132 ? 6.657   -4.316  8.209   1.00 0.00 ? 132 SER P CA 1 
ATOM 132 C CA . LEU A 1 133 ? 6.464   -1.541  5.679   1.00 0.00 ? 133 LEU P CA 1 
ATOM 133 C CA . TYR A 1 134 ? 8.690   0.672   7.944   1.00 0.00 ? 134 TYR P CA 1 
ATOM 134 C CA . LEU A 1 135 ? 11.256  -2.122  8.296   1.00 0.00 ? 135 LEU P CA 1 
ATOM 135 C CA . ALA A 1 136 ? 11.415  -2.268  4.532   1.00 0.00 ? 136 ALA P CA 1 
ATOM 136 C CA . LEU A 1 137 ? 11.971  1.510   4.178   1.00 0.00 ? 137 LEU P CA 1 
ATOM 137 C CA . ARG A 1 138 ? 14.876  1.293   6.616   1.00 0.00 ? 138 ARG P CA 1 
ATOM 138 C CA . MET A 1 139 ? 16.655  -1.207  4.412   1.00 0.00 ? 139 MET P CA 1 
ATOM 139 C CA . VAL A 1 140 ? 16.284  0.880   1.247   1.00 0.00 ? 140 VAL P CA 1 
ATOM 140 C CA . LYS A 1 141 ? 19.567  2.488   0.349   1.00 0.00 ? 141 LYS P CA 1 
ATOM 141 C CA . PRO A 1 142 ? 21.494  2.093   -2.941  1.00 0.00 ? 142 PRO P CA 1 
ATOM 142 C CA . GLY A 1 143 ? 23.527  -1.134  -3.331  1.00 0.00 ? 143 GLY P CA 1 
ATOM 143 C CA . ILE A 1 144 ? 21.225  -3.539  -1.421  1.00 0.00 ? 144 ILE P CA 1 
ATOM 144 C CA . ASN A 1 145 ? 19.429  -6.490  -3.100  1.00 0.00 ? 145 ASN P CA 1 
ATOM 145 C CA . LEU A 1 146 ? 15.607  -6.349  -3.155  1.00 0.00 ? 146 LEU P CA 1 
ATOM 146 C CA . ARG A 1 147 ? 15.549  -9.997  -1.893  1.00 0.00 ? 147 ARG P CA 1 
ATOM 147 C CA . GLU A 1 148 ? 17.025  -9.030  1.462   1.00 0.00 ? 148 GLU P CA 1 
ATOM 148 C CA . ILE A 1 149 ? 14.244  -6.461  1.844   1.00 0.00 ? 149 ILE P CA 1 
ATOM 149 C CA . GLY A 1 150 ? 11.676  -9.183  1.100   1.00 0.00 ? 150 GLY P CA 1 
ATOM 150 C CA . ALA A 1 151 ? 13.309  -11.546 3.601   1.00 0.00 ? 151 ALA P CA 1 
ATOM 151 C CA . ALA A 1 152 ? 13.105  -8.900  6.346   1.00 0.00 ? 152 ALA P CA 1 
ATOM 152 C CA . ILE A 1 153 ? 9.365   -8.206  5.694   1.00 0.00 ? 153 ILE P CA 1 
ATOM 153 C CA . GLN A 1 154 ? 8.426   -11.903 5.591   1.00 0.00 ? 154 GLN P CA 1 
ATOM 154 C CA . LYS A 1 155 ? 10.331  -12.747 8.786   1.00 0.00 ? 155 LYS P CA 1 
ATOM 155 C CA . PHE A 1 156 ? 8.884   -9.729  10.559  1.00 0.00 ? 156 PHE P CA 1 
ATOM 156 C CA . VAL A 1 157 ? 5.283   -10.472 9.575   1.00 0.00 ? 157 VAL P CA 1 
ATOM 157 C CA . GLU A 1 158 ? 5.719   -14.177 10.335  1.00 0.00 ? 158 GLU P CA 1 
ATOM 158 C CA . ALA A 1 159 ? 7.243   -13.851 13.829  1.00 0.00 ? 159 ALA P CA 1 
ATOM 159 C CA . GLU A 1 160 ? 4.025   -12.321 15.212  1.00 0.00 ? 160 GLU P CA 1 
ATOM 160 C CA . GLY A 1 161 ? 1.929   -15.195 13.817  1.00 0.00 ? 161 GLY P CA 1 
ATOM 161 C CA . PHE A 1 162 ? 0.634   -13.044 10.919  1.00 0.00 ? 162 PHE P CA 1 
ATOM 162 C CA . SER A 1 163 ? 1.286   -14.036 7.310   1.00 0.00 ? 163 SER P CA 1 
ATOM 163 C CA . VAL A 1 164 ? 2.335   -12.041 4.292   1.00 0.00 ? 164 VAL P CA 1 
ATOM 164 C CA . VAL A 1 165 ? 0.333   -12.623 1.169   1.00 0.00 ? 165 VAL P CA 1 
ATOM 165 C CA . ARG A 1 166 ? 2.621   -14.430 -1.220  1.00 0.00 ? 166 ARG P CA 1 
ATOM 166 C CA . GLU A 1 167 ? 0.550   -13.409 -4.190  1.00 0.00 ? 167 GLU P CA 1 
ATOM 167 C CA . TYR A 1 168 ? 0.800   -9.756  -3.164  1.00 0.00 ? 168 TYR P CA 1 
ATOM 168 C CA . CYS A 1 169 ? 4.042   -7.932  -3.129  1.00 0.00 ? 169 CYS P CA 1 
ATOM 169 C CA . GLY A 1 170 ? 5.279   -4.514  -4.108  1.00 0.00 ? 170 GLY P CA 1 
ATOM 170 C CA . HIS A 1 171 ? 6.233   -3.611  -7.573  1.00 0.00 ? 171 HIS P CA 1 
ATOM 171 C CA . GLY A 1 172 ? 8.026   -0.922  -9.488  1.00 0.00 ? 172 GLY P CA 1 
ATOM 172 C CA . ILE A 1 173 ? 6.102   2.019   -10.507 1.00 0.00 ? 173 ILE P CA 1 
ATOM 173 C CA . GLY A 1 174 ? 6.293   5.230   -12.358 1.00 0.00 ? 174 GLY P CA 1 
ATOM 174 C CA . GLN A 1 175 ? 4.539   5.208   -15.668 1.00 0.00 ? 175 GLN P CA 1 
ATOM 175 C CA . GLY A 1 176 ? 3.047   1.856   -14.706 1.00 0.00 ? 176 GLY P CA 1 
ATOM 176 C CA . PHE A 1 177 ? 1.152   1.004   -11.552 1.00 0.00 ? 177 PHE P CA 1 
ATOM 177 C CA . HIS A 1 178 ? 3.097   -2.217  -11.491 1.00 0.00 ? 178 HIS P CA 1 
ATOM 178 C CA . GLU A 1 179 ? 6.245   -1.675  -13.474 1.00 0.00 ? 179 GLU P CA 1 
ATOM 179 C CA . GLU A 1 180 ? 9.335   -3.652  -12.815 1.00 0.00 ? 180 GLU P CA 1 
ATOM 180 C CA . PRO A 1 181 ? 10.640  -4.742  -10.492 1.00 0.00 ? 181 PRO P CA 1 
ATOM 181 C CA . GLN A 1 182 ? 8.617   -6.913  -8.166  1.00 0.00 ? 182 GLN P CA 1 
ATOM 182 C CA . VAL A 1 183 ? 9.614   -5.783  -4.750  1.00 0.00 ? 183 VAL P CA 1 
ATOM 183 C CA . LEU A 1 184 ? 8.977   -9.033  -3.098  1.00 0.00 ? 184 LEU P CA 1 
ATOM 184 C CA . HIS A 1 185 ? 7.454   -9.429  0.379   1.00 0.00 ? 185 HIS P CA 1 
ATOM 185 C CA . TYR A 1 186 ? 8.566   -13.059 0.434   1.00 0.00 ? 186 TYR P CA 1 
ATOM 186 C CA . ASP A 1 187 ? 11.892  -14.821 -0.094  1.00 0.00 ? 187 ASP P CA 1 
ATOM 187 C CA . SER A 1 188 ? 11.854  -16.034 -3.695  1.00 0.00 ? 188 SER P CA 1 
ATOM 188 C CA . ARG A 1 189 ? 13.902  -15.764 -6.888  1.00 0.00 ? 189 ARG P CA 1 
ATOM 189 C CA . GLU A 1 190 ? 11.314  -13.983 -9.067  1.00 0.00 ? 190 GLU P CA 1 
ATOM 190 C CA . THR A 1 191 ? 13.443  -10.823 -8.829  1.00 0.00 ? 191 THR P CA 1 
ATOM 191 C CA . ASN A 1 192 ? 17.205  -10.544 -7.992  1.00 0.00 ? 192 ASN P CA 1 
ATOM 192 C CA . VAL A 1 193 ? 17.761  -6.821  -8.626  1.00 0.00 ? 193 VAL P CA 1 
ATOM 193 C CA . VAL A 1 194 ? 20.324  -4.787  -6.748  1.00 0.00 ? 194 VAL P CA 1 
ATOM 194 C CA . LEU A 1 195 ? 19.159  -1.252  -6.067  1.00 0.00 ? 195 LEU P CA 1 
ATOM 195 C CA . LYS A 1 196 ? 20.538  1.849   -7.712  1.00 0.00 ? 196 LYS P CA 1 
ATOM 196 C CA . PRO A 1 197 ? 19.262  5.473   -7.846  1.00 0.00 ? 197 PRO P CA 1 
ATOM 197 C CA . GLY A 1 198 ? 16.271  6.619   -9.918  1.00 0.00 ? 198 GLY P CA 1 
ATOM 198 C CA . MET A 1 199 ? 14.266  3.617   -8.958  1.00 0.00 ? 199 MET P CA 1 
ATOM 199 C CA . THR A 1 200 ? 10.812  4.300   -7.760  1.00 0.00 ? 200 THR P CA 1 
ATOM 200 C CA . PHE A 1 201 ? 8.814   1.429   -6.305  1.00 0.00 ? 201 PHE P CA 1 
ATOM 201 C CA . THR A 1 202 ? 6.267   0.325   -3.804  1.00 0.00 ? 202 THR P CA 1 
ATOM 202 C CA . ILE A 1 203 ? 6.627   -1.866  -0.864  1.00 0.00 ? 203 ILE P CA 1 
ATOM 203 C CA . GLU A 1 204 ? 3.189   -3.091  0.152   1.00 0.00 ? 204 GLU P CA 1 
ATOM 204 C CA . PRO A 1 205 ? 3.094   -6.012  2.656   1.00 0.00 ? 205 PRO P CA 1 
ATOM 205 C CA . MET A 1 206 ? -0.436  -7.367  2.548   1.00 0.00 ? 206 MET P CA 1 
ATOM 206 C CA . VAL A 1 207 ? -0.761  -9.210  5.701   1.00 0.00 ? 207 VAL P CA 1 
ATOM 207 C CA . ASN A 1 208 ? -3.512  -11.576 6.698   1.00 0.00 ? 208 ASN P CA 1 
ATOM 208 C CA . ALA A 1 209 ? -4.137  -12.305 10.381  1.00 0.00 ? 209 ALA P CA 1 
ATOM 209 C CA . GLY A 1 210 ? -4.969  -15.977 9.756   1.00 0.00 ? 210 GLY P CA 1 
ATOM 210 C CA . LYS A 1 211 ? -4.387  -18.368 6.859   1.00 0.00 ? 211 LYS P CA 1 
ATOM 211 C CA . LYS A 1 212 ? -2.981  -16.951 3.661   1.00 0.00 ? 212 LYS P CA 1 
ATOM 212 C CA . GLU A 1 213 ? -5.270  -19.002 1.355   1.00 0.00 ? 213 GLU P CA 1 
ATOM 213 C CA . ILE A 1 214 ? -8.008  -16.959 -0.346  1.00 0.00 ? 214 ILE P CA 1 
ATOM 214 C CA . ARG A 1 215 ? -11.507 -17.574 -1.978  1.00 0.00 ? 215 ARG P CA 1 
ATOM 215 C CA . THR A 1 216 ? -13.468 -16.311 -5.144  1.00 0.00 ? 216 THR P CA 1 
ATOM 216 C CA . MET A 1 217 ? -17.164 -15.103 -5.191  1.00 0.00 ? 217 MET P CA 1 
ATOM 217 C CA . LYS A 1 218 ? -20.112 -15.916 -7.630  1.00 0.00 ? 218 LYS P CA 1 
ATOM 218 C CA . ASP A 1 219 ? -19.654 -12.538 -9.240  1.00 0.00 ? 219 ASP P CA 1 
ATOM 219 C CA . GLY A 1 220 ? -15.846 -12.697 -8.798  1.00 0.00 ? 220 GLY P CA 1 
ATOM 220 C CA . TRP A 1 221 ? -14.309 -9.158  -8.255  1.00 0.00 ? 221 TRP P CA 1 
ATOM 221 C CA . THR A 1 222 ? -13.616 -8.964  -4.418  1.00 0.00 ? 222 THR P CA 1 
ATOM 222 C CA . VAL A 1 223 ? -11.220 -11.433 -2.688  1.00 0.00 ? 223 VAL P CA 1 
ATOM 223 C CA . LYS A 1 224 ? -11.766 -12.706 0.807   1.00 0.00 ? 224 LYS P CA 1 
ATOM 224 C CA . THR A 1 225 ? -9.614  -15.063 2.880   1.00 0.00 ? 225 THR P CA 1 
ATOM 225 C CA . LYS A 1 226 ? -10.047 -18.922 2.808   1.00 0.00 ? 226 LYS P CA 1 
ATOM 226 C CA . ASP A 1 227 ? -10.120 -19.096 6.594   1.00 0.00 ? 227 ASP P CA 1 
ATOM 227 C CA . ARG A 1 228 ? -11.789 -15.601 6.505   1.00 0.00 ? 228 ARG P CA 1 
ATOM 228 C CA . SER A 1 229 ? -9.257  -13.557 8.496   1.00 0.00 ? 229 SER P CA 1 
ATOM 229 C CA . LEU A 1 230 ? -8.475  -9.802  8.754   1.00 0.00 ? 230 LEU P CA 1 
ATOM 230 C CA . SER A 1 231 ? -6.224  -8.206  6.173   1.00 0.00 ? 231 SER P CA 1 
ATOM 231 C CA . ALA A 1 232 ? -4.048  -5.275  6.509   1.00 0.00 ? 232 ALA P CA 1 
ATOM 232 C CA . GLN A 1 233 ? -1.906  -3.649  3.926   1.00 0.00 ? 233 GLN P CA 1 
ATOM 233 C CA . TYR A 1 234 ? 0.449   -0.701  4.189   1.00 0.00 ? 234 TYR P CA 1 
ATOM 234 C CA . GLU A 1 235 ? 2.187   0.643   1.193   1.00 0.00 ? 235 GLU P CA 1 
ATOM 235 C CA . HIS A 1 236 ? 4.527   3.459   0.283   1.00 0.00 ? 236 HIS P CA 1 
ATOM 236 C CA . THR A 1 237 ? 6.016   4.657   -2.946  1.00 0.00 ? 237 THR P CA 1 
ATOM 237 C CA . ILE A 1 238 ? 9.591   5.614   -2.462  1.00 0.00 ? 238 ILE P CA 1 
ATOM 238 C CA . VAL A 1 239 ? 12.434  6.671   -4.704  1.00 0.00 ? 239 VAL P CA 1 
ATOM 239 C CA . VAL A 1 240 ? 15.804  5.126   -3.996  1.00 0.00 ? 240 VAL P CA 1 
ATOM 240 C CA . THR A 1 241 ? 18.080  8.079   -3.621  1.00 0.00 ? 241 THR P CA 1 
ATOM 241 C CA . ASP A 1 242 ? 21.894  8.480   -3.754  1.00 0.00 ? 242 ASP P CA 1 
ATOM 242 C CA . ASN A 1 243 ? 22.511  7.503   -0.128  1.00 0.00 ? 243 ASN P CA 1 
ATOM 243 C CA . GLY A 1 244 ? 19.199  6.062   1.034   1.00 0.00 ? 244 GLY P CA 1 
ATOM 244 C CA . CYS A 1 245 ? 15.641  6.648   0.013   1.00 0.00 ? 245 CYS P CA 1 
ATOM 245 C CA . GLU A 1 246 ? 13.090  9.377   0.063   1.00 0.00 ? 246 GLU P CA 1 
ATOM 246 C CA . ILE A 1 247 ? 9.447   8.479   0.590   1.00 0.00 ? 247 ILE P CA 1 
ATOM 247 C CA . LEU A 1 248 ? 7.591   9.850   -2.384  1.00 0.00 ? 248 LEU P CA 1 
ATOM 248 C CA . THR A 1 249 ? 4.380   9.045   -0.535  1.00 0.00 ? 249 THR P CA 1 
ATOM 249 C CA . LEU A 1 250 ? 5.497   10.566  2.781   1.00 0.00 ? 250 LEU P CA 1 
ATOM 250 C CA . ARG A 1 251 ? 2.325   10.901  4.832   1.00 0.00 ? 251 ARG P CA 1 
ATOM 251 C CA . LYS A 1 252 ? 1.605   13.123  7.753   1.00 0.00 ? 252 LYS P CA 1 
ATOM 252 C CA . ASP A 1 253 ? 0.562   10.078  9.696   1.00 0.00 ? 253 ASP P CA 1 
ATOM 253 C CA . ASP A 1 254 ? 4.189   9.010   9.221   1.00 0.00 ? 254 ASP P CA 1 
ATOM 254 C CA . THR A 1 255 ? 6.338   10.669  11.865  1.00 0.00 ? 255 THR P CA 1 
ATOM 255 C CA . ILE A 1 256 ? 9.361   9.273   10.094  1.00 0.00 ? 256 ILE P CA 1 
ATOM 256 C CA . PRO A 1 257 ? 12.128  11.688  8.855   1.00 0.00 ? 257 PRO P CA 1 
ATOM 257 C CA . ALA A 1 258 ? 12.189  13.006  5.281   1.00 0.00 ? 258 ALA P CA 1 
ATOM 258 C CA . ILE A 1 259 ? 15.476  11.487  4.004   1.00 0.00 ? 259 ILE P CA 1 
ATOM 259 C CA . ILE A 1 260 ? 16.499  8.169   5.535   1.00 0.00 ? 260 ILE P CA 1 
ATOM 260 C CA . SER A 1 261 ? 20.153  7.186   5.071   1.00 0.00 ? 261 SER P CA 1 
ATOM 261 C CA . HIS A 1 262 ? 21.805  3.816   5.667   1.00 0.00 ? 262 HIS P CA 1 
ATOM 262 C CA . ASP A 1 263 ? 24.424  3.987   2.863   1.00 0.00 ? 263 ASP P CA 1 
# 
